data_2E4G
#
_entry.id   2E4G
#
_cell.length_a   114.750
_cell.length_b   114.750
_cell.length_c   231.233
_cell.angle_alpha   90.000
_cell.angle_beta   90.000
_cell.angle_gamma   120.000
#
_symmetry.space_group_name_H-M   'P 62'
#
loop_
_entity.id
_entity.type
_entity.pdbx_description
1 polymer 'Tryptophan halogenase'
2 non-polymer TRYPTOPHAN
3 water water
#
_entity_poly.entity_id   1
_entity_poly.type   'polypeptide(L)'
_entity_poly.pdbx_seq_one_letter_code
;MGSSHHHHHHSSGLVPRGSHMSGKIDKILIVGGGTAGWMAASYLGKALQGTADITLLQAPDIPTLGVGEATIPNLQTAFF
DFLGIPEDEWMRECNASYKVAIKFINWRTAGEGTSEARELDGGPDHFYHSFGLLKYHEQIPLSHYWFDRSYRGKTVEPFD
YACYKEPVILDANRSPRRLDGSKVTNYAWHFDAHLVADFLRRFATEKLGVRHVEDRVEHVQRDANGNIESVRTATGRVFD
ADLFVDCSGFRGLLINKAMEEPFLDMSDHLLNDSAVATQVPHDDDANGVEPFTSAIAMKSGWTWKIPMLGRFGTGYVYSS
RFATEDEAVREFCEMWHLDPETQPLNRIRFRVGRNRRAWVGNCVSIGTSSCFVEPLESTGIYFVYAALYQLVKHFPDKSL
NPVLTARFNREIETMFDDTRDFIQAHFYFSPRTDTPFWRANKELRLADGMQEKIDMYRAGMAINAPASDDAQLYYGNFEE
EFRNFWNNSNYYCVLAGLGLVPDAPSPRLAHMPQATESVDEVFGAVKDRQRNLLETLPSLHEFLRQQHGR
;
_entity_poly.pdbx_strand_id   A,B
#
# COMPACT_ATOMS: atom_id res chain seq x y z
N MET A 21 -30.85 17.86 1.54
CA MET A 21 -31.74 16.93 0.80
C MET A 21 -30.99 15.66 0.44
N SER A 22 -31.40 15.04 -0.67
CA SER A 22 -30.82 13.80 -1.14
C SER A 22 -30.91 14.04 -2.63
N GLY A 23 -30.42 13.12 -3.44
CA GLY A 23 -30.42 13.36 -4.87
C GLY A 23 -28.98 13.68 -5.14
N LYS A 24 -28.51 13.54 -6.36
CA LYS A 24 -27.11 13.82 -6.61
C LYS A 24 -26.80 15.31 -6.66
N ILE A 25 -25.51 15.63 -6.56
CA ILE A 25 -25.06 17.01 -6.64
C ILE A 25 -25.44 17.50 -8.04
N ASP A 26 -26.12 18.64 -8.13
CA ASP A 26 -26.51 19.19 -9.43
C ASP A 26 -25.65 20.40 -9.81
N LYS A 27 -25.32 21.23 -8.82
CA LYS A 27 -24.53 22.41 -9.08
C LYS A 27 -23.29 22.54 -8.20
N ILE A 28 -22.19 22.93 -8.83
CA ILE A 28 -20.93 23.11 -8.14
C ILE A 28 -20.39 24.52 -8.40
N LEU A 29 -19.95 25.19 -7.35
CA LEU A 29 -19.37 26.51 -7.52
C LEU A 29 -17.91 26.50 -7.07
N ILE A 30 -17.02 26.93 -7.94
CA ILE A 30 -15.62 26.99 -7.61
C ILE A 30 -15.29 28.47 -7.42
N VAL A 31 -14.74 28.80 -6.27
CA VAL A 31 -14.37 30.18 -6.00
C VAL A 31 -12.85 30.27 -6.08
N GLY A 32 -12.35 31.06 -7.02
CA GLY A 32 -10.91 31.19 -7.21
C GLY A 32 -10.56 30.69 -8.60
N GLY A 33 -9.87 31.51 -9.38
CA GLY A 33 -9.52 31.11 -10.73
C GLY A 33 -8.06 31.16 -11.14
N GLY A 34 -7.20 30.52 -10.34
CA GLY A 34 -5.78 30.49 -10.68
C GLY A 34 -5.48 29.12 -11.25
N THR A 35 -4.35 28.55 -10.86
CA THR A 35 -3.98 27.22 -11.32
C THR A 35 -4.90 26.19 -10.69
N ALA A 36 -5.10 26.31 -9.37
CA ALA A 36 -5.95 25.38 -8.62
C ALA A 36 -7.40 25.43 -9.11
N GLY A 37 -7.93 26.64 -9.24
CA GLY A 37 -9.31 26.81 -9.68
C GLY A 37 -9.61 26.20 -11.05
N TRP A 38 -8.79 26.50 -12.04
CA TRP A 38 -9.03 25.95 -13.37
C TRP A 38 -8.66 24.49 -13.50
N MET A 39 -7.81 24.00 -12.61
CA MET A 39 -7.47 22.58 -12.61
C MET A 39 -8.71 21.86 -12.04
N ALA A 40 -9.28 22.44 -10.98
CA ALA A 40 -10.47 21.87 -10.36
C ALA A 40 -11.61 21.87 -11.38
N ALA A 41 -11.77 22.99 -12.08
CA ALA A 41 -12.82 23.12 -13.09
C ALA A 41 -12.65 22.09 -14.21
N SER A 42 -11.41 21.88 -14.63
CA SER A 42 -11.12 20.93 -15.70
C SER A 42 -11.30 19.48 -15.24
N TYR A 43 -10.76 19.15 -14.07
CA TYR A 43 -10.86 17.79 -13.58
C TYR A 43 -12.31 17.41 -13.27
N LEU A 44 -13.01 18.26 -12.52
CA LEU A 44 -14.41 17.98 -12.19
C LEU A 44 -15.28 18.02 -13.45
N GLY A 45 -15.03 19.00 -14.32
CA GLY A 45 -15.80 19.09 -15.55
C GLY A 45 -15.64 17.82 -16.34
N LYS A 46 -14.43 17.29 -16.37
CA LYS A 46 -14.15 16.05 -17.09
C LYS A 46 -14.79 14.84 -16.40
N ALA A 47 -14.57 14.73 -15.10
CA ALA A 47 -15.10 13.62 -14.31
C ALA A 47 -16.63 13.53 -14.24
N LEU A 48 -17.30 14.66 -14.12
CA LEU A 48 -18.76 14.68 -14.00
C LEU A 48 -19.43 15.17 -15.28
N GLN A 49 -18.70 15.20 -16.38
CA GLN A 49 -19.22 15.71 -17.64
C GLN A 49 -20.69 15.40 -17.93
N GLY A 50 -21.47 16.48 -18.10
CA GLY A 50 -22.87 16.34 -18.42
C GLY A 50 -23.79 15.96 -17.28
N THR A 51 -23.29 15.92 -16.04
CA THR A 51 -24.14 15.55 -14.93
C THR A 51 -24.05 16.52 -13.77
N ALA A 52 -23.44 17.67 -14.03
CA ALA A 52 -23.29 18.71 -13.02
C ALA A 52 -23.00 20.02 -13.70
N ASP A 53 -23.63 21.09 -13.24
CA ASP A 53 -23.38 22.40 -13.81
C ASP A 53 -22.30 23.05 -12.96
N ILE A 54 -21.19 23.42 -13.60
CA ILE A 54 -20.09 24.00 -12.86
C ILE A 54 -19.84 25.46 -13.20
N THR A 55 -19.74 26.28 -12.17
CA THR A 55 -19.46 27.69 -12.34
C THR A 55 -18.23 28.05 -11.53
N LEU A 56 -17.34 28.83 -12.12
CA LEU A 56 -16.15 29.28 -11.43
C LEU A 56 -16.22 30.80 -11.32
N LEU A 57 -16.12 31.29 -10.09
CA LEU A 57 -16.17 32.72 -9.81
C LEU A 57 -14.74 33.22 -9.74
N GLN A 58 -14.44 34.24 -10.55
CA GLN A 58 -13.08 34.76 -10.62
C GLN A 58 -13.01 36.30 -10.65
N ALA A 59 -12.21 36.87 -9.75
CA ALA A 59 -12.03 38.31 -9.68
C ALA A 59 -10.59 38.65 -10.06
N PRO A 60 -10.36 39.82 -10.69
CA PRO A 60 -9.01 40.21 -11.10
C PRO A 60 -8.08 40.49 -9.91
N ASP A 61 -6.88 39.95 -9.99
CA ASP A 61 -5.86 40.11 -8.95
C ASP A 61 -4.74 40.98 -9.51
N ILE A 62 -3.85 41.41 -8.64
CA ILE A 62 -2.70 42.18 -9.10
C ILE A 62 -1.85 41.11 -9.78
N PRO A 63 -1.49 41.32 -11.06
CA PRO A 63 -0.67 40.34 -11.78
C PRO A 63 0.70 40.14 -11.14
N THR A 64 1.28 38.97 -11.34
CA THR A 64 2.61 38.68 -10.80
C THR A 64 3.51 38.11 -11.90
N LEU A 65 4.81 38.15 -11.64
CA LEU A 65 5.79 37.64 -12.59
C LEU A 65 5.73 36.13 -12.65
N GLY A 66 6.09 35.57 -13.80
CA GLY A 66 6.10 34.13 -13.95
C GLY A 66 7.40 33.64 -13.37
N VAL A 67 7.40 33.33 -12.08
CA VAL A 67 8.61 32.88 -11.43
C VAL A 67 8.91 31.39 -11.55
N GLY A 68 8.03 30.67 -12.25
CA GLY A 68 8.25 29.25 -12.49
C GLY A 68 7.66 28.21 -11.56
N GLU A 69 7.29 27.07 -12.15
CA GLU A 69 6.71 25.93 -11.44
C GLU A 69 7.44 24.67 -11.90
N ALA A 70 7.76 23.80 -10.95
CA ALA A 70 8.42 22.53 -11.28
C ALA A 70 7.37 21.46 -10.98
N THR A 71 7.42 20.33 -11.69
CA THR A 71 6.43 19.28 -11.47
C THR A 71 7.02 17.88 -11.37
N ILE A 72 6.13 16.88 -11.34
CA ILE A 72 6.55 15.49 -11.26
C ILE A 72 5.85 14.69 -12.36
N PRO A 73 6.41 13.53 -12.73
CA PRO A 73 5.87 12.67 -13.79
C PRO A 73 4.36 12.44 -13.84
N ASN A 74 3.72 12.20 -12.70
CA ASN A 74 2.29 11.94 -12.75
C ASN A 74 1.39 13.09 -13.14
N LEU A 75 1.98 14.25 -13.44
CA LEU A 75 1.19 15.39 -13.87
C LEU A 75 0.54 15.00 -15.20
N GLN A 76 1.26 14.25 -16.01
CA GLN A 76 0.75 13.83 -17.31
C GLN A 76 -0.20 12.63 -17.22
N THR A 77 0.21 11.62 -16.46
CA THR A 77 -0.61 10.42 -16.34
C THR A 77 -1.83 10.54 -15.44
N ALA A 78 -1.75 11.36 -14.40
CA ALA A 78 -2.89 11.53 -13.49
C ALA A 78 -3.76 12.75 -13.79
N PHE A 79 -3.21 13.76 -14.45
CA PHE A 79 -4.01 14.94 -14.74
C PHE A 79 -4.32 15.13 -16.22
N PHE A 80 -3.31 15.48 -17.02
CA PHE A 80 -3.54 15.70 -18.45
C PHE A 80 -4.10 14.49 -19.20
N ASP A 81 -3.64 13.27 -18.87
CA ASP A 81 -4.17 12.08 -19.54
C ASP A 81 -5.64 11.93 -19.19
N PHE A 82 -5.98 12.21 -17.94
CA PHE A 82 -7.36 12.10 -17.48
C PHE A 82 -8.25 13.05 -18.28
N LEU A 83 -7.73 14.25 -18.56
CA LEU A 83 -8.48 15.25 -19.32
C LEU A 83 -8.51 14.90 -20.80
N GLY A 84 -7.64 13.97 -21.21
CA GLY A 84 -7.58 13.57 -22.60
C GLY A 84 -6.71 14.53 -23.42
N ILE A 85 -5.72 15.14 -22.76
CA ILE A 85 -4.83 16.09 -23.41
C ILE A 85 -3.38 15.57 -23.53
N PRO A 86 -2.90 15.39 -24.78
CA PRO A 86 -1.54 14.90 -25.07
C PRO A 86 -0.45 15.83 -24.57
N GLU A 87 0.66 15.25 -24.11
CA GLU A 87 1.78 16.03 -23.60
C GLU A 87 2.17 17.12 -24.59
N ASP A 88 2.29 16.78 -25.86
CA ASP A 88 2.67 17.75 -26.88
C ASP A 88 1.72 18.94 -27.00
N GLU A 89 0.43 18.71 -26.83
CA GLU A 89 -0.53 19.79 -26.95
C GLU A 89 -0.38 20.86 -25.87
N TRP A 90 -0.36 20.45 -24.61
CA TRP A 90 -0.24 21.45 -23.55
C TRP A 90 1.16 22.02 -23.40
N MET A 91 2.18 21.22 -23.66
CA MET A 91 3.56 21.70 -23.54
C MET A 91 3.87 22.88 -24.46
N ARG A 92 3.47 22.77 -25.73
CA ARG A 92 3.70 23.83 -26.71
C ARG A 92 2.97 25.12 -26.36
N GLU A 93 1.74 24.99 -25.86
CA GLU A 93 0.97 26.16 -25.50
C GLU A 93 1.38 26.79 -24.18
N CYS A 94 2.23 26.09 -23.45
CA CYS A 94 2.68 26.60 -22.16
C CYS A 94 4.19 26.85 -22.16
N ASN A 95 4.82 26.71 -23.31
CA ASN A 95 6.26 26.95 -23.46
C ASN A 95 7.04 26.27 -22.34
N ALA A 96 6.80 24.97 -22.18
CA ALA A 96 7.42 24.18 -21.13
C ALA A 96 8.77 23.58 -21.46
N SER A 97 9.55 23.32 -20.42
CA SER A 97 10.86 22.70 -20.57
C SER A 97 10.81 21.39 -19.78
N TYR A 98 11.91 20.65 -19.77
CA TYR A 98 11.97 19.37 -19.10
C TYR A 98 12.72 19.34 -17.77
N LYS A 99 12.25 18.50 -16.86
CA LYS A 99 12.85 18.32 -15.55
C LYS A 99 13.13 16.84 -15.33
N VAL A 100 14.38 16.49 -15.07
CA VAL A 100 14.74 15.10 -14.84
C VAL A 100 15.06 14.87 -13.38
N ALA A 101 15.28 15.95 -12.64
CA ALA A 101 15.61 15.84 -11.22
C ALA A 101 15.69 17.20 -10.57
N ILE A 102 15.97 17.19 -9.27
CA ILE A 102 16.18 18.41 -8.53
C ILE A 102 17.65 18.27 -8.12
N LYS A 103 18.45 19.29 -8.43
CA LYS A 103 19.86 19.26 -8.08
C LYS A 103 20.03 20.13 -6.83
N PHE A 104 20.46 19.51 -5.74
CA PHE A 104 20.64 20.22 -4.47
C PHE A 104 22.08 20.72 -4.35
N ILE A 105 22.22 22.05 -4.41
CA ILE A 105 23.53 22.69 -4.37
C ILE A 105 23.88 23.42 -3.07
N ASN A 106 25.07 23.08 -2.55
CA ASN A 106 25.60 23.69 -1.34
C ASN A 106 24.85 23.45 -0.03
N TRP A 107 24.20 22.31 0.08
CA TRP A 107 23.47 22.00 1.31
C TRP A 107 24.40 21.42 2.38
N ARG A 108 25.62 21.06 1.99
CA ARG A 108 26.56 20.46 2.93
C ARG A 108 27.79 21.32 3.26
N THR A 109 27.87 22.51 2.69
CA THR A 109 29.02 23.39 2.94
C THR A 109 28.62 24.80 3.38
N ALA A 110 29.43 25.37 4.28
CA ALA A 110 29.19 26.71 4.80
C ALA A 110 29.47 27.78 3.75
N GLY A 111 28.81 28.92 3.87
CA GLY A 111 29.05 29.99 2.91
C GLY A 111 27.84 30.81 2.54
N GLU A 112 28.10 31.86 1.76
CA GLU A 112 27.08 32.78 1.28
C GLU A 112 26.16 32.12 0.25
N GLY A 113 25.08 32.82 -0.09
CA GLY A 113 24.17 32.30 -1.10
C GLY A 113 24.77 32.57 -2.46
N THR A 114 25.19 31.51 -3.14
CA THR A 114 25.78 31.65 -4.46
C THR A 114 25.23 30.61 -5.43
N SER A 115 25.25 30.93 -6.71
CA SER A 115 24.77 30.00 -7.72
C SER A 115 25.83 28.94 -8.05
N GLU A 116 27.05 29.16 -7.60
CA GLU A 116 28.17 28.23 -7.87
C GLU A 116 28.39 27.23 -6.73
N ALA A 117 28.42 25.95 -7.07
CA ALA A 117 28.63 24.90 -6.08
C ALA A 117 30.05 24.98 -5.49
N ARG A 118 30.13 24.88 -4.17
CA ARG A 118 31.41 24.91 -3.49
C ARG A 118 32.04 23.52 -3.62
N GLU A 119 33.30 23.40 -3.23
CA GLU A 119 34.02 22.13 -3.29
C GLU A 119 33.77 21.31 -2.03
N LEU A 120 33.57 20.01 -2.21
CA LEU A 120 33.33 19.10 -1.08
C LEU A 120 33.99 17.78 -1.42
N ASP A 121 34.92 17.35 -0.58
CA ASP A 121 35.63 16.09 -0.78
C ASP A 121 36.06 15.87 -2.22
N GLY A 122 36.71 16.88 -2.79
CA GLY A 122 37.20 16.76 -4.16
C GLY A 122 36.19 16.85 -5.29
N GLY A 123 35.04 17.47 -5.05
CA GLY A 123 34.05 17.61 -6.10
C GLY A 123 33.04 18.68 -5.76
N PRO A 124 32.19 19.09 -6.71
CA PRO A 124 31.21 20.14 -6.37
C PRO A 124 30.20 19.63 -5.34
N ASP A 125 29.76 20.52 -4.47
CA ASP A 125 28.79 20.15 -3.45
C ASP A 125 27.37 20.10 -3.99
N HIS A 126 27.03 18.99 -4.62
CA HIS A 126 25.68 18.78 -5.13
C HIS A 126 25.34 17.30 -5.12
N PHE A 127 24.04 17.02 -5.15
CA PHE A 127 23.54 15.66 -5.22
C PHE A 127 22.15 15.77 -5.84
N TYR A 128 21.75 14.72 -6.54
CA TYR A 128 20.48 14.72 -7.24
C TYR A 128 19.38 13.88 -6.61
N HIS A 129 18.16 14.38 -6.73
CA HIS A 129 16.99 13.64 -6.30
C HIS A 129 16.32 13.42 -7.64
N SER A 130 16.56 12.26 -8.25
CA SER A 130 15.99 11.95 -9.55
C SER A 130 14.68 11.18 -9.46
N PHE A 131 13.96 11.13 -10.58
CA PHE A 131 12.71 10.40 -10.66
C PHE A 131 13.02 8.92 -10.88
N GLY A 132 12.01 8.08 -10.77
CA GLY A 132 12.21 6.66 -10.96
C GLY A 132 12.33 5.92 -9.65
N LEU A 133 12.63 4.63 -9.73
CA LEU A 133 12.76 3.79 -8.55
C LEU A 133 14.06 3.00 -8.58
N LEU A 134 14.66 2.80 -7.40
CA LEU A 134 15.88 2.02 -7.31
C LEU A 134 15.57 0.58 -7.72
N LYS A 135 16.50 -0.05 -8.41
CA LYS A 135 16.30 -1.43 -8.84
C LYS A 135 16.43 -2.37 -7.64
N TYR A 136 15.66 -3.45 -7.66
CA TYR A 136 15.71 -4.45 -6.60
C TYR A 136 16.69 -5.53 -7.03
N HIS A 137 17.49 -6.01 -6.10
CA HIS A 137 18.42 -7.10 -6.39
C HIS A 137 18.18 -8.13 -5.29
N GLU A 138 17.66 -9.29 -5.68
CA GLU A 138 17.37 -10.34 -4.72
C GLU A 138 16.45 -9.80 -3.62
N GLN A 139 15.40 -9.08 -4.03
CA GLN A 139 14.41 -8.52 -3.12
C GLN A 139 14.88 -7.32 -2.28
N ILE A 140 16.10 -6.85 -2.52
CA ILE A 140 16.63 -5.73 -1.75
C ILE A 140 16.99 -4.53 -2.63
N PRO A 141 16.57 -3.31 -2.22
CA PRO A 141 16.86 -2.09 -2.99
C PRO A 141 18.36 -1.87 -3.17
N LEU A 142 18.76 -1.42 -4.35
CA LEU A 142 20.16 -1.18 -4.66
C LEU A 142 20.83 -0.28 -3.61
N SER A 143 20.04 0.58 -2.97
CA SER A 143 20.54 1.47 -1.93
C SER A 143 21.29 0.70 -0.83
N HIS A 144 20.73 -0.42 -0.42
CA HIS A 144 21.33 -1.24 0.65
C HIS A 144 22.68 -1.84 0.28
N TYR A 145 22.84 -2.20 -0.99
CA TYR A 145 24.10 -2.76 -1.47
C TYR A 145 25.14 -1.66 -1.60
N TRP A 146 24.69 -0.48 -2.05
CA TRP A 146 25.58 0.65 -2.20
C TRP A 146 26.18 0.99 -0.84
N PHE A 147 25.31 1.10 0.17
CA PHE A 147 25.79 1.43 1.49
C PHE A 147 26.70 0.35 2.08
N ASP A 148 26.36 -0.90 1.83
CA ASP A 148 27.17 -1.99 2.35
C ASP A 148 28.61 -1.81 1.87
N ARG A 149 28.77 -1.54 0.58
CA ARG A 149 30.09 -1.36 -0.02
C ARG A 149 30.76 -0.09 0.50
N SER A 150 30.00 0.99 0.62
CA SER A 150 30.54 2.25 1.10
C SER A 150 31.03 2.08 2.53
N TYR A 151 30.21 1.44 3.36
CA TYR A 151 30.52 1.19 4.75
C TYR A 151 31.80 0.38 4.93
N ARG A 152 31.96 -0.66 4.11
CA ARG A 152 33.14 -1.52 4.18
C ARG A 152 34.32 -0.95 3.40
N GLY A 153 34.21 0.33 3.04
CA GLY A 153 35.29 0.97 2.30
C GLY A 153 35.56 0.42 0.91
N LYS A 154 34.59 -0.28 0.33
CA LYS A 154 34.77 -0.83 -1.01
C LYS A 154 34.48 0.21 -2.08
N THR A 155 33.89 1.34 -1.67
CA THR A 155 33.59 2.41 -2.60
C THR A 155 33.53 3.74 -1.88
N VAL A 156 33.69 4.82 -2.63
CA VAL A 156 33.61 6.16 -2.09
C VAL A 156 32.69 6.96 -3.00
N GLU A 157 32.13 6.27 -3.99
CA GLU A 157 31.22 6.92 -4.94
C GLU A 157 29.90 7.28 -4.26
N PRO A 158 29.40 8.49 -4.50
CA PRO A 158 28.14 8.93 -3.88
C PRO A 158 26.98 8.02 -4.26
N PHE A 159 25.99 7.96 -3.37
CA PHE A 159 24.81 7.15 -3.58
C PHE A 159 24.15 7.40 -4.94
N ASP A 160 23.91 8.67 -5.27
CA ASP A 160 23.23 8.97 -6.54
C ASP A 160 23.98 8.56 -7.80
N TYR A 161 25.30 8.76 -7.84
CA TYR A 161 26.07 8.39 -9.02
C TYR A 161 26.21 6.88 -9.16
N ALA A 162 26.15 6.17 -8.04
CA ALA A 162 26.27 4.73 -8.03
C ALA A 162 24.98 4.02 -8.41
N CYS A 163 23.85 4.55 -7.94
CA CYS A 163 22.57 3.90 -8.19
C CYS A 163 21.68 4.45 -9.30
N TYR A 164 21.96 5.66 -9.77
CA TYR A 164 21.18 6.27 -10.84
C TYR A 164 22.06 6.60 -12.04
N LYS A 165 21.50 6.45 -13.22
CA LYS A 165 22.20 6.76 -14.46
C LYS A 165 22.08 8.26 -14.74
N GLU A 166 21.05 8.88 -14.19
CA GLU A 166 20.77 10.29 -14.41
C GLU A 166 21.84 11.33 -14.05
N PRO A 167 22.41 11.26 -12.84
CA PRO A 167 23.43 12.26 -12.50
C PRO A 167 24.44 12.58 -13.61
N VAL A 168 24.96 11.54 -14.26
CA VAL A 168 25.95 11.75 -15.30
C VAL A 168 25.43 12.49 -16.54
N ILE A 169 24.24 12.14 -17.01
CA ILE A 169 23.72 12.85 -18.16
C ILE A 169 23.20 14.24 -17.80
N LEU A 170 22.84 14.44 -16.54
CA LEU A 170 22.35 15.75 -16.11
C LEU A 170 23.53 16.70 -15.97
N ASP A 171 24.68 16.17 -15.57
CA ASP A 171 25.87 17.01 -15.43
C ASP A 171 26.23 17.60 -16.79
N ALA A 172 25.78 16.93 -17.85
CA ALA A 172 26.07 17.38 -19.20
C ALA A 172 24.83 17.99 -19.87
N ASN A 173 23.83 18.34 -19.07
CA ASN A 173 22.61 18.96 -19.60
C ASN A 173 21.97 18.21 -20.75
N ARG A 174 21.98 16.88 -20.70
CA ARG A 174 21.39 16.09 -21.77
C ARG A 174 19.86 16.11 -21.74
N SER A 175 19.26 15.84 -22.89
CA SER A 175 17.81 15.79 -23.02
C SER A 175 17.31 14.44 -22.53
N PRO A 176 16.09 14.39 -21.95
CA PRO A 176 15.54 13.13 -21.47
C PRO A 176 15.01 12.30 -22.65
N ARG A 177 15.03 12.92 -23.83
CA ARG A 177 14.56 12.26 -25.05
C ARG A 177 15.56 12.44 -26.20
N ARG A 178 15.69 11.41 -27.04
CA ARG A 178 16.58 11.46 -28.19
C ARG A 178 15.88 12.27 -29.27
N LEU A 179 16.62 12.72 -30.27
CA LEU A 179 16.01 13.50 -31.34
C LEU A 179 14.86 12.78 -32.03
N ASP A 180 14.90 11.45 -32.04
CA ASP A 180 13.81 10.70 -32.67
C ASP A 180 12.58 10.63 -31.77
N GLY A 181 12.68 11.24 -30.59
CA GLY A 181 11.55 11.26 -29.67
C GLY A 181 11.54 10.22 -28.56
N SER A 182 12.34 9.17 -28.71
CA SER A 182 12.36 8.12 -27.70
C SER A 182 12.88 8.64 -26.36
N LYS A 183 12.16 8.31 -25.29
CA LYS A 183 12.52 8.75 -23.95
C LYS A 183 13.46 7.75 -23.27
N VAL A 184 14.49 8.27 -22.59
CA VAL A 184 15.47 7.41 -21.94
C VAL A 184 15.46 7.45 -20.41
N THR A 185 14.52 8.20 -19.83
CA THR A 185 14.41 8.29 -18.38
C THR A 185 13.08 8.94 -18.00
N ASN A 186 12.73 8.86 -16.73
CA ASN A 186 11.49 9.46 -16.26
C ASN A 186 11.76 10.95 -16.09
N TYR A 187 10.81 11.79 -16.50
CA TYR A 187 11.00 13.23 -16.40
C TYR A 187 9.69 13.96 -16.17
N ALA A 188 9.80 15.22 -15.77
CA ALA A 188 8.62 16.06 -15.55
C ALA A 188 8.78 17.38 -16.30
N TRP A 189 8.12 18.43 -15.81
CA TRP A 189 8.16 19.71 -16.52
C TRP A 189 8.41 20.97 -15.68
N HIS A 190 8.87 22.00 -16.37
CA HIS A 190 9.12 23.33 -15.79
C HIS A 190 8.26 24.24 -16.67
N PHE A 191 7.52 25.16 -16.08
CA PHE A 191 6.70 26.05 -16.86
C PHE A 191 6.18 27.21 -16.02
N ASP A 192 5.65 28.22 -16.69
CA ASP A 192 5.09 29.38 -16.03
C ASP A 192 3.64 28.97 -15.74
N ALA A 193 3.30 28.80 -14.47
CA ALA A 193 1.95 28.41 -14.08
C ALA A 193 0.83 29.21 -14.73
N HIS A 194 1.05 30.52 -14.90
CA HIS A 194 0.02 31.39 -15.49
C HIS A 194 -0.43 30.87 -16.85
N LEU A 195 0.51 30.35 -17.63
CA LEU A 195 0.18 29.83 -18.95
C LEU A 195 -0.67 28.57 -18.88
N VAL A 196 -0.35 27.70 -17.92
CA VAL A 196 -1.12 26.47 -17.77
C VAL A 196 -2.54 26.82 -17.33
N ALA A 197 -2.66 27.78 -16.42
CA ALA A 197 -3.98 28.20 -15.94
C ALA A 197 -4.81 28.75 -17.10
N ASP A 198 -4.20 29.54 -17.97
CA ASP A 198 -4.93 30.10 -19.11
C ASP A 198 -5.32 28.99 -20.08
N PHE A 199 -4.41 28.05 -20.26
CA PHE A 199 -4.66 26.91 -21.14
C PHE A 199 -5.86 26.12 -20.63
N LEU A 200 -5.90 25.87 -19.32
CA LEU A 200 -6.98 25.12 -18.71
C LEU A 200 -8.30 25.90 -18.70
N ARG A 201 -8.21 27.21 -18.51
CA ARG A 201 -9.40 28.05 -18.51
C ARG A 201 -10.09 27.92 -19.87
N ARG A 202 -9.30 27.99 -20.94
CA ARG A 202 -9.83 27.86 -22.28
C ARG A 202 -10.41 26.46 -22.48
N PHE A 203 -9.69 25.45 -21.99
CA PHE A 203 -10.15 24.07 -22.12
C PHE A 203 -11.47 23.83 -21.37
N ALA A 204 -11.51 24.22 -20.10
CA ALA A 204 -12.72 24.01 -19.30
C ALA A 204 -13.94 24.74 -19.84
N THR A 205 -13.80 26.03 -20.14
CA THR A 205 -14.92 26.82 -20.65
C THR A 205 -15.33 26.46 -22.06
N GLU A 206 -14.36 26.19 -22.92
CA GLU A 206 -14.63 25.86 -24.32
C GLU A 206 -14.98 24.41 -24.61
N LYS A 207 -14.36 23.49 -23.88
CA LYS A 207 -14.60 22.08 -24.10
C LYS A 207 -15.48 21.36 -23.07
N LEU A 208 -15.50 21.85 -21.83
CA LEU A 208 -16.27 21.18 -20.78
C LEU A 208 -17.52 21.87 -20.27
N GLY A 209 -17.89 22.99 -20.88
CA GLY A 209 -19.10 23.70 -20.46
C GLY A 209 -19.06 24.37 -19.11
N VAL A 210 -17.87 24.62 -18.57
CA VAL A 210 -17.78 25.28 -17.29
C VAL A 210 -18.07 26.77 -17.49
N ARG A 211 -18.86 27.34 -16.60
CA ARG A 211 -19.20 28.75 -16.71
C ARG A 211 -18.25 29.64 -15.91
N HIS A 212 -17.65 30.60 -16.59
CA HIS A 212 -16.72 31.54 -15.97
C HIS A 212 -17.44 32.84 -15.66
N VAL A 213 -17.37 33.28 -14.42
CA VAL A 213 -18.01 34.53 -14.03
C VAL A 213 -16.97 35.42 -13.36
N GLU A 214 -16.83 36.64 -13.86
CA GLU A 214 -15.87 37.59 -13.31
C GLU A 214 -16.55 38.41 -12.24
N ASP A 215 -16.37 38.02 -10.98
CA ASP A 215 -16.96 38.75 -9.88
C ASP A 215 -16.21 38.48 -8.59
N ARG A 216 -16.40 39.37 -7.62
CA ARG A 216 -15.73 39.26 -6.33
C ARG A 216 -16.72 38.89 -5.24
N VAL A 217 -16.39 37.85 -4.48
CA VAL A 217 -17.24 37.39 -3.39
C VAL A 217 -17.42 38.50 -2.36
N GLU A 218 -18.68 38.81 -2.07
CA GLU A 218 -19.00 39.84 -1.11
C GLU A 218 -19.49 39.24 0.20
N HIS A 219 -20.31 38.20 0.08
CA HIS A 219 -20.88 37.56 1.26
C HIS A 219 -21.19 36.09 1.03
N VAL A 220 -20.88 35.26 2.02
CA VAL A 220 -21.15 33.83 1.94
C VAL A 220 -22.29 33.52 2.91
N GLN A 221 -23.40 33.01 2.38
CA GLN A 221 -24.55 32.70 3.21
C GLN A 221 -24.57 31.24 3.62
N ARG A 222 -24.57 30.98 4.92
CA ARG A 222 -24.63 29.61 5.40
C ARG A 222 -26.02 29.31 5.99
N ASP A 223 -26.34 28.02 6.13
CA ASP A 223 -27.62 27.64 6.71
C ASP A 223 -27.39 27.21 8.16
N ALA A 224 -28.47 26.78 8.83
CA ALA A 224 -28.40 26.36 10.23
C ALA A 224 -27.58 25.11 10.47
N ASN A 225 -27.31 24.33 9.42
CA ASN A 225 -26.49 23.13 9.55
C ASN A 225 -25.02 23.48 9.37
N GLY A 226 -24.73 24.76 9.13
CA GLY A 226 -23.36 25.19 8.94
C GLY A 226 -22.87 25.04 7.51
N ASN A 227 -23.74 24.59 6.63
CA ASN A 227 -23.37 24.42 5.23
C ASN A 227 -23.56 25.72 4.48
N ILE A 228 -22.85 25.86 3.36
CA ILE A 228 -22.96 27.06 2.56
C ILE A 228 -24.18 26.98 1.68
N GLU A 229 -25.04 28.00 1.79
CA GLU A 229 -26.25 28.07 1.01
C GLU A 229 -25.94 28.71 -0.34
N SER A 230 -25.26 29.85 -0.29
CA SER A 230 -24.90 30.57 -1.50
C SER A 230 -23.80 31.60 -1.27
N VAL A 231 -23.33 32.17 -2.37
CA VAL A 231 -22.31 33.20 -2.31
C VAL A 231 -22.87 34.42 -3.04
N ARG A 232 -22.80 35.59 -2.41
CA ARG A 232 -23.28 36.79 -3.08
C ARG A 232 -22.08 37.65 -3.47
N THR A 233 -22.04 38.06 -4.72
CA THR A 233 -20.94 38.86 -5.25
C THR A 233 -21.16 40.36 -5.12
N ALA A 234 -20.09 41.12 -5.37
CA ALA A 234 -20.13 42.58 -5.28
C ALA A 234 -21.14 43.23 -6.22
N THR A 235 -21.55 42.53 -7.27
CA THR A 235 -22.52 43.08 -8.21
C THR A 235 -23.95 42.73 -7.82
N GLY A 236 -24.11 41.98 -6.72
CA GLY A 236 -25.44 41.62 -6.27
C GLY A 236 -25.91 40.26 -6.75
N ARG A 237 -25.08 39.57 -7.52
CA ARG A 237 -25.47 38.26 -8.00
C ARG A 237 -25.32 37.23 -6.90
N VAL A 238 -26.25 36.27 -6.84
CA VAL A 238 -26.21 35.23 -5.84
C VAL A 238 -26.01 33.88 -6.51
N PHE A 239 -24.98 33.16 -6.10
CA PHE A 239 -24.70 31.87 -6.68
C PHE A 239 -24.89 30.78 -5.66
N ASP A 240 -25.86 29.90 -5.91
CA ASP A 240 -26.09 28.78 -5.01
C ASP A 240 -25.63 27.54 -5.74
N ALA A 241 -25.24 26.54 -4.96
CA ALA A 241 -24.76 25.29 -5.50
C ALA A 241 -24.91 24.26 -4.41
N ASP A 242 -24.71 23.00 -4.76
CA ASP A 242 -24.82 21.91 -3.80
C ASP A 242 -23.48 21.66 -3.12
N LEU A 243 -22.40 21.91 -3.85
CA LEU A 243 -21.05 21.71 -3.35
C LEU A 243 -20.19 22.91 -3.75
N PHE A 244 -19.42 23.43 -2.79
CA PHE A 244 -18.56 24.56 -3.05
C PHE A 244 -17.10 24.16 -2.93
N VAL A 245 -16.29 24.60 -3.90
CA VAL A 245 -14.86 24.27 -3.92
C VAL A 245 -14.07 25.55 -3.70
N ASP A 246 -13.35 25.62 -2.59
CA ASP A 246 -12.58 26.81 -2.28
C ASP A 246 -11.20 26.75 -2.93
N CYS A 247 -11.00 27.59 -3.93
CA CYS A 247 -9.72 27.67 -4.63
C CYS A 247 -9.25 29.11 -4.54
N SER A 248 -9.57 29.76 -3.43
CA SER A 248 -9.24 31.15 -3.22
C SER A 248 -7.83 31.42 -2.69
N GLY A 249 -7.00 30.39 -2.59
CA GLY A 249 -5.65 30.58 -2.11
C GLY A 249 -5.53 30.79 -0.61
N PHE A 250 -4.44 31.44 -0.20
CA PHE A 250 -4.16 31.68 1.21
C PHE A 250 -5.30 32.31 2.02
N ARG A 251 -6.14 33.11 1.37
CA ARG A 251 -7.24 33.75 2.09
C ARG A 251 -8.27 32.75 2.64
N GLY A 252 -8.41 31.60 1.98
CA GLY A 252 -9.39 30.61 2.44
C GLY A 252 -10.75 31.26 2.65
N LEU A 253 -11.20 31.99 1.63
CA LEU A 253 -12.48 32.70 1.66
C LEU A 253 -13.65 31.86 2.17
N LEU A 254 -13.73 30.61 1.75
CA LEU A 254 -14.81 29.74 2.18
C LEU A 254 -14.44 28.90 3.39
N ILE A 255 -13.46 28.01 3.22
CA ILE A 255 -13.06 27.10 4.29
C ILE A 255 -12.65 27.74 5.62
N ASN A 256 -11.90 28.84 5.58
CA ASN A 256 -11.48 29.46 6.85
C ASN A 256 -12.37 30.63 7.26
N LYS A 257 -12.59 31.55 6.35
CA LYS A 257 -13.40 32.73 6.64
C LYS A 257 -14.87 32.39 6.93
N ALA A 258 -15.54 31.77 5.97
CA ALA A 258 -16.95 31.42 6.13
C ALA A 258 -17.16 30.23 7.06
N MET A 259 -16.54 29.09 6.75
CA MET A 259 -16.69 27.88 7.54
C MET A 259 -15.97 27.92 8.89
N GLU A 260 -15.07 28.89 9.04
CA GLU A 260 -14.31 29.06 10.27
C GLU A 260 -13.44 27.86 10.66
N GLU A 261 -13.10 27.02 9.70
CA GLU A 261 -12.25 25.87 9.99
C GLU A 261 -10.86 26.41 10.38
N PRO A 262 -10.30 25.92 11.49
CA PRO A 262 -8.98 26.37 11.94
C PRO A 262 -7.86 25.95 10.98
N PHE A 263 -6.82 26.77 10.90
CA PHE A 263 -5.66 26.45 10.06
C PHE A 263 -4.53 26.06 11.01
N LEU A 264 -3.87 24.95 10.74
CA LEU A 264 -2.78 24.51 11.59
C LEU A 264 -1.43 25.00 11.10
N ASP A 265 -0.86 25.95 11.83
CA ASP A 265 0.44 26.49 11.51
C ASP A 265 1.43 25.41 11.91
N MET A 266 2.39 25.13 11.05
CA MET A 266 3.36 24.09 11.38
C MET A 266 4.80 24.58 11.37
N SER A 267 4.99 25.79 11.89
CA SER A 267 6.30 26.40 11.96
C SER A 267 7.20 25.73 13.00
N ASP A 268 6.68 24.70 13.66
CA ASP A 268 7.49 23.97 14.63
C ASP A 268 8.22 22.87 13.87
N HIS A 269 7.91 22.76 12.58
CA HIS A 269 8.54 21.79 11.70
C HIS A 269 9.17 22.47 10.50
N LEU A 270 8.58 23.58 10.06
CA LEU A 270 9.06 24.34 8.91
C LEU A 270 9.27 25.81 9.25
N LEU A 271 10.52 26.27 9.21
CA LEU A 271 10.82 27.67 9.53
C LEU A 271 10.62 28.64 8.37
N ASN A 272 10.70 28.15 7.13
CA ASN A 272 10.54 29.02 5.97
C ASN A 272 9.08 29.40 5.73
N ASP A 273 8.84 30.70 5.59
CA ASP A 273 7.50 31.22 5.41
C ASP A 273 7.43 32.38 4.43
N SER A 274 8.54 32.68 3.76
CA SER A 274 8.56 33.81 2.83
C SER A 274 9.40 33.54 1.58
N ALA A 275 9.32 34.47 0.63
CA ALA A 275 10.10 34.34 -0.60
C ALA A 275 10.16 35.64 -1.39
N VAL A 276 11.26 35.82 -2.12
CA VAL A 276 11.45 36.96 -3.01
C VAL A 276 11.79 36.24 -4.31
N ALA A 277 11.02 36.49 -5.35
CA ALA A 277 11.25 35.81 -6.61
C ALA A 277 11.16 36.75 -7.80
N THR A 278 11.71 36.29 -8.92
CA THR A 278 11.70 37.05 -10.15
C THR A 278 11.90 36.10 -11.32
N GLN A 279 12.01 36.66 -12.51
CA GLN A 279 12.26 35.88 -13.71
C GLN A 279 13.47 36.52 -14.39
N VAL A 280 14.39 35.70 -14.87
CA VAL A 280 15.60 36.21 -15.50
C VAL A 280 15.75 35.75 -16.95
N PRO A 281 15.94 36.70 -17.88
CA PRO A 281 16.11 36.35 -19.30
C PRO A 281 17.33 35.46 -19.45
N HIS A 282 17.29 34.53 -20.40
CA HIS A 282 18.41 33.62 -20.58
C HIS A 282 18.66 33.33 -22.05
N ASP A 283 19.93 33.34 -22.43
CA ASP A 283 20.36 33.07 -23.81
C ASP A 283 20.61 31.56 -23.93
N ASP A 284 19.58 30.81 -24.31
CA ASP A 284 19.71 29.37 -24.43
C ASP A 284 20.71 28.93 -25.52
N ASP A 285 20.90 29.76 -26.53
CA ASP A 285 21.83 29.41 -27.61
C ASP A 285 23.27 29.39 -27.13
N ALA A 286 23.62 30.36 -26.29
CA ALA A 286 24.99 30.45 -25.78
C ALA A 286 25.28 29.51 -24.64
N ASN A 287 24.32 29.33 -23.73
CA ASN A 287 24.56 28.48 -22.56
C ASN A 287 23.77 27.19 -22.42
N GLY A 288 22.90 26.88 -23.38
CA GLY A 288 22.11 25.67 -23.27
C GLY A 288 21.08 25.79 -22.15
N VAL A 289 20.33 24.72 -21.91
CA VAL A 289 19.28 24.70 -20.88
C VAL A 289 19.47 23.49 -19.95
N GLU A 290 19.42 23.73 -18.64
CA GLU A 290 19.58 22.65 -17.67
C GLU A 290 18.30 21.82 -17.55
N PRO A 291 18.42 20.48 -17.67
CA PRO A 291 17.26 19.59 -17.58
C PRO A 291 16.93 19.24 -16.12
N PHE A 292 16.98 20.24 -15.24
CA PHE A 292 16.70 19.99 -13.84
C PHE A 292 16.41 21.27 -13.08
N THR A 293 15.73 21.12 -11.94
CA THR A 293 15.43 22.25 -11.09
C THR A 293 16.61 22.31 -10.13
N SER A 294 17.04 23.51 -9.77
CA SER A 294 18.13 23.65 -8.82
C SER A 294 17.56 24.14 -7.51
N ALA A 295 18.06 23.57 -6.41
CA ALA A 295 17.64 23.97 -5.08
C ALA A 295 18.97 24.39 -4.48
N ILE A 296 19.20 25.70 -4.47
CA ILE A 296 20.45 26.28 -3.98
C ILE A 296 20.34 26.76 -2.56
N ALA A 297 21.06 26.10 -1.65
CA ALA A 297 21.04 26.48 -0.24
C ALA A 297 21.55 27.90 -0.03
N MET A 298 20.88 28.63 0.85
CA MET A 298 21.25 30.01 1.16
C MET A 298 21.58 30.08 2.64
N LYS A 299 21.83 31.28 3.16
CA LYS A 299 22.15 31.42 4.57
C LYS A 299 20.93 31.31 5.48
N SER A 300 19.77 31.67 4.95
CA SER A 300 18.53 31.64 5.73
C SER A 300 17.39 31.00 4.94
N GLY A 301 17.73 30.03 4.11
CA GLY A 301 16.74 29.36 3.30
C GLY A 301 17.39 28.70 2.11
N TRP A 302 16.72 28.74 0.97
CA TRP A 302 17.26 28.13 -0.24
C TRP A 302 16.61 28.84 -1.42
N THR A 303 17.24 28.72 -2.58
CA THR A 303 16.74 29.37 -3.77
C THR A 303 16.45 28.38 -4.88
N TRP A 304 15.29 28.53 -5.53
CA TRP A 304 14.98 27.63 -6.62
C TRP A 304 15.39 28.27 -7.93
N LYS A 305 15.69 27.43 -8.90
CA LYS A 305 16.02 27.91 -10.23
C LYS A 305 15.23 26.97 -11.11
N ILE A 306 14.30 27.54 -11.86
CA ILE A 306 13.46 26.73 -12.74
C ILE A 306 13.62 27.21 -14.19
N PRO A 307 14.42 26.48 -14.98
CA PRO A 307 14.67 26.81 -16.39
C PRO A 307 13.45 26.61 -17.27
N MET A 308 13.20 27.61 -18.12
CA MET A 308 12.10 27.57 -19.06
C MET A 308 12.73 27.95 -20.41
N LEU A 309 11.93 28.31 -21.41
CA LEU A 309 12.50 28.65 -22.71
C LEU A 309 12.93 30.12 -22.79
N GLY A 310 14.24 30.35 -22.91
CA GLY A 310 14.76 31.71 -23.00
C GLY A 310 14.79 32.49 -21.69
N ARG A 311 14.54 31.82 -20.58
CA ARG A 311 14.55 32.49 -19.27
C ARG A 311 14.46 31.45 -18.18
N PHE A 312 14.70 31.87 -16.94
CA PHE A 312 14.59 30.95 -15.82
C PHE A 312 13.92 31.68 -14.65
N GLY A 313 13.04 30.97 -13.96
CA GLY A 313 12.37 31.56 -12.81
C GLY A 313 13.22 31.23 -11.61
N THR A 314 13.29 32.13 -10.64
CA THR A 314 14.09 31.87 -9.45
C THR A 314 13.50 32.58 -8.24
N GLY A 315 13.54 31.92 -7.10
CA GLY A 315 13.00 32.51 -5.89
C GLY A 315 13.73 32.04 -4.66
N TYR A 316 14.02 32.98 -3.77
CA TYR A 316 14.69 32.68 -2.51
C TYR A 316 13.62 32.47 -1.45
N VAL A 317 13.47 31.23 -1.00
CA VAL A 317 12.52 30.89 0.05
C VAL A 317 13.31 31.06 1.35
N TYR A 318 12.81 31.87 2.26
CA TYR A 318 13.51 32.09 3.51
C TYR A 318 12.59 32.16 4.71
N SER A 319 13.19 32.25 5.90
CA SER A 319 12.46 32.34 7.16
C SER A 319 12.52 33.76 7.69
N SER A 320 11.34 34.40 7.79
CA SER A 320 11.26 35.76 8.29
C SER A 320 11.83 35.82 9.68
N ARG A 321 12.01 34.65 10.29
CA ARG A 321 12.56 34.56 11.62
C ARG A 321 14.07 34.80 11.65
N PHE A 322 14.74 34.58 10.52
CA PHE A 322 16.18 34.75 10.49
C PHE A 322 16.71 35.80 9.52
N ALA A 323 15.83 36.37 8.70
CA ALA A 323 16.22 37.38 7.75
C ALA A 323 15.05 38.32 7.47
N THR A 324 15.33 39.63 7.42
CA THR A 324 14.29 40.60 7.13
C THR A 324 14.05 40.53 5.62
N GLU A 325 12.94 41.08 5.16
CA GLU A 325 12.63 41.06 3.74
C GLU A 325 13.71 41.74 2.92
N ASP A 326 14.27 42.83 3.45
CA ASP A 326 15.31 43.55 2.73
C ASP A 326 16.62 42.78 2.67
N GLU A 327 16.95 42.06 3.74
CA GLU A 327 18.17 41.26 3.72
C GLU A 327 18.00 40.14 2.71
N ALA A 328 16.78 39.60 2.61
CA ALA A 328 16.53 38.51 1.67
C ALA A 328 16.59 39.03 0.24
N VAL A 329 16.08 40.24 0.03
CA VAL A 329 16.10 40.84 -1.29
C VAL A 329 17.56 41.03 -1.71
N ARG A 330 18.39 41.50 -0.78
CA ARG A 330 19.80 41.74 -1.07
C ARG A 330 20.54 40.45 -1.38
N GLU A 331 20.41 39.46 -0.50
CA GLU A 331 21.09 38.18 -0.70
C GLU A 331 20.70 37.59 -2.05
N PHE A 332 19.40 37.64 -2.34
CA PHE A 332 18.86 37.11 -3.59
C PHE A 332 19.38 37.86 -4.82
N CYS A 333 19.26 39.18 -4.81
CA CYS A 333 19.72 39.97 -5.96
C CYS A 333 21.22 39.88 -6.19
N GLU A 334 22.00 39.89 -5.12
CA GLU A 334 23.45 39.79 -5.25
C GLU A 334 23.87 38.45 -5.86
N MET A 335 23.22 37.36 -5.47
CA MET A 335 23.57 36.05 -6.01
C MET A 335 23.34 35.98 -7.52
N TRP A 336 22.35 36.72 -8.00
CA TRP A 336 22.07 36.71 -9.44
C TRP A 336 22.61 37.96 -10.12
N HIS A 337 23.31 38.79 -9.37
CA HIS A 337 23.89 40.04 -9.88
C HIS A 337 22.81 40.96 -10.46
N LEU A 338 21.77 41.17 -9.68
CA LEU A 338 20.65 42.02 -10.08
C LEU A 338 20.61 43.26 -9.20
N ASP A 339 19.97 44.31 -9.69
CA ASP A 339 19.86 45.57 -8.97
C ASP A 339 18.67 45.54 -8.00
N PRO A 340 18.95 45.40 -6.70
CA PRO A 340 17.87 45.37 -5.70
C PRO A 340 16.92 46.56 -5.74
N GLU A 341 17.34 47.64 -6.39
CA GLU A 341 16.51 48.84 -6.47
C GLU A 341 15.63 48.90 -7.73
N THR A 342 15.99 48.15 -8.77
CA THR A 342 15.21 48.23 -10.00
C THR A 342 14.65 46.91 -10.53
N GLN A 343 15.21 45.79 -10.09
CA GLN A 343 14.75 44.48 -10.55
C GLN A 343 13.28 44.22 -10.19
N PRO A 344 12.48 43.77 -11.16
CA PRO A 344 11.07 43.48 -10.87
C PRO A 344 11.07 42.30 -9.91
N LEU A 345 10.42 42.46 -8.76
CA LEU A 345 10.41 41.41 -7.75
C LEU A 345 9.03 41.12 -7.14
N ASN A 346 8.79 39.84 -6.83
CA ASN A 346 7.55 39.42 -6.19
C ASN A 346 7.96 39.10 -4.75
N ARG A 347 7.41 39.86 -3.80
CA ARG A 347 7.71 39.64 -2.39
C ARG A 347 6.50 38.89 -1.84
N ILE A 348 6.72 37.66 -1.39
CA ILE A 348 5.63 36.83 -0.89
C ILE A 348 5.76 36.37 0.55
N ARG A 349 4.63 36.31 1.24
CA ARG A 349 4.58 35.81 2.60
C ARG A 349 3.66 34.60 2.50
N PHE A 350 4.21 33.42 2.74
CA PHE A 350 3.45 32.18 2.64
C PHE A 350 2.64 31.86 3.89
N ARG A 351 1.60 31.05 3.71
CA ARG A 351 0.82 30.56 4.83
C ARG A 351 1.19 29.08 4.79
N VAL A 352 2.12 28.69 5.66
CA VAL A 352 2.60 27.31 5.71
C VAL A 352 1.83 26.46 6.70
N GLY A 353 1.35 25.30 6.24
CA GLY A 353 0.60 24.39 7.08
C GLY A 353 -0.62 23.84 6.35
N ARG A 354 -1.63 23.44 7.12
CA ARG A 354 -2.86 22.90 6.52
C ARG A 354 -4.07 23.13 7.42
N ASN A 355 -5.26 23.07 6.84
CA ASN A 355 -6.48 23.24 7.62
C ASN A 355 -6.62 21.99 8.50
N ARG A 356 -7.32 22.13 9.62
CA ARG A 356 -7.55 21.02 10.53
C ARG A 356 -8.25 19.95 9.70
N ARG A 357 -9.15 20.38 8.83
CA ARG A 357 -9.89 19.48 7.95
C ARG A 357 -9.99 20.20 6.61
N ALA A 358 -9.65 19.50 5.54
CA ALA A 358 -9.69 20.08 4.19
C ALA A 358 -11.10 20.28 3.65
N TRP A 359 -12.01 19.37 4.03
CA TRP A 359 -13.40 19.42 3.57
C TRP A 359 -14.33 19.45 4.78
N VAL A 360 -15.13 20.51 4.88
CA VAL A 360 -16.07 20.66 5.99
C VAL A 360 -17.44 20.96 5.39
N GLY A 361 -18.45 20.23 5.86
CA GLY A 361 -19.80 20.44 5.36
C GLY A 361 -19.87 20.20 3.87
N ASN A 362 -20.28 21.22 3.12
CA ASN A 362 -20.35 21.09 1.66
C ASN A 362 -19.29 21.99 1.01
N CYS A 363 -18.20 22.21 1.75
CA CYS A 363 -17.12 23.07 1.28
C CYS A 363 -15.79 22.31 1.23
N VAL A 364 -15.26 22.10 0.03
CA VAL A 364 -14.00 21.38 -0.15
C VAL A 364 -12.89 22.36 -0.55
N SER A 365 -11.81 22.40 0.22
CA SER A 365 -10.72 23.29 -0.12
C SER A 365 -9.72 22.54 -1.01
N ILE A 366 -9.28 23.22 -2.07
CA ILE A 366 -8.33 22.68 -3.04
C ILE A 366 -7.25 23.74 -3.33
N GLY A 367 -5.98 23.34 -3.23
CA GLY A 367 -4.92 24.30 -3.48
C GLY A 367 -4.37 24.87 -2.18
N THR A 368 -3.82 26.07 -2.24
CA THR A 368 -3.24 26.68 -1.05
C THR A 368 -4.29 27.07 -0.01
N SER A 369 -5.55 27.08 -0.40
CA SER A 369 -6.63 27.37 0.54
C SER A 369 -6.69 26.17 1.49
N SER A 370 -6.22 25.02 1.01
CA SER A 370 -6.20 23.79 1.80
C SER A 370 -4.90 23.60 2.58
N CYS A 371 -3.76 23.64 1.88
CA CYS A 371 -2.47 23.46 2.55
C CYS A 371 -1.33 24.02 1.71
N PHE A 372 -0.19 24.25 2.34
CA PHE A 372 0.97 24.76 1.63
C PHE A 372 2.27 24.49 2.36
N VAL A 373 3.27 24.15 1.56
CA VAL A 373 4.62 23.90 2.05
C VAL A 373 5.55 24.44 0.95
N GLU A 374 6.70 24.95 1.34
CA GLU A 374 7.68 25.49 0.37
C GLU A 374 7.89 24.49 -0.77
N PRO A 375 8.09 24.99 -2.00
CA PRO A 375 8.30 24.15 -3.18
C PRO A 375 9.62 23.38 -3.27
N LEU A 376 10.19 22.99 -2.13
CA LEU A 376 11.46 22.27 -2.12
C LEU A 376 11.44 20.94 -2.88
N GLU A 377 10.29 20.27 -2.92
CA GLU A 377 10.19 19.00 -3.63
C GLU A 377 9.10 18.98 -4.70
N SER A 378 8.78 20.13 -5.26
CA SER A 378 7.81 20.22 -6.36
C SER A 378 6.46 19.53 -6.10
N THR A 379 5.79 19.86 -5.00
CA THR A 379 4.53 19.20 -4.69
C THR A 379 3.27 20.07 -4.84
N GLY A 380 3.47 21.36 -5.02
CA GLY A 380 2.35 22.30 -5.14
C GLY A 380 1.22 21.94 -6.08
N ILE A 381 1.57 21.71 -7.34
CA ILE A 381 0.55 21.37 -8.33
C ILE A 381 0.05 19.93 -8.09
N TYR A 382 0.96 19.06 -7.68
CA TYR A 382 0.59 17.68 -7.37
C TYR A 382 -0.53 17.64 -6.33
N PHE A 383 -0.38 18.44 -5.26
CA PHE A 383 -1.38 18.50 -4.20
C PHE A 383 -2.77 18.86 -4.72
N VAL A 384 -2.80 19.66 -5.77
CA VAL A 384 -4.06 20.08 -6.35
C VAL A 384 -4.78 18.92 -7.00
N TYR A 385 -4.15 18.26 -7.97
CA TYR A 385 -4.85 17.17 -8.62
C TYR A 385 -4.90 15.87 -7.84
N ALA A 386 -4.01 15.70 -6.86
CA ALA A 386 -4.06 14.51 -6.03
C ALA A 386 -5.36 14.63 -5.23
N ALA A 387 -5.64 15.84 -4.74
CA ALA A 387 -6.84 16.11 -3.96
C ALA A 387 -8.09 15.98 -4.83
N LEU A 388 -8.03 16.48 -6.06
CA LEU A 388 -9.17 16.39 -6.97
C LEU A 388 -9.46 14.93 -7.25
N TYR A 389 -8.42 14.12 -7.34
CA TYR A 389 -8.61 12.71 -7.58
C TYR A 389 -9.28 12.09 -6.36
N GLN A 390 -8.85 12.49 -5.16
CA GLN A 390 -9.45 11.95 -3.94
C GLN A 390 -10.87 12.46 -3.76
N LEU A 391 -11.16 13.66 -4.24
CA LEU A 391 -12.51 14.22 -4.12
C LEU A 391 -13.49 13.39 -4.94
N VAL A 392 -13.13 13.14 -6.20
CA VAL A 392 -14.00 12.35 -7.06
C VAL A 392 -14.17 10.94 -6.50
N LYS A 393 -13.09 10.37 -5.95
CA LYS A 393 -13.16 9.03 -5.37
C LYS A 393 -14.13 9.01 -4.19
N HIS A 394 -14.16 10.10 -3.42
CA HIS A 394 -15.05 10.20 -2.27
C HIS A 394 -16.21 11.14 -2.60
N PHE A 395 -16.58 11.23 -3.88
CA PHE A 395 -17.66 12.14 -4.25
C PHE A 395 -18.97 11.82 -3.56
N PRO A 396 -19.59 12.82 -2.94
CA PRO A 396 -20.85 12.68 -2.22
C PRO A 396 -22.06 12.97 -3.09
N ASP A 397 -23.24 12.71 -2.53
CA ASP A 397 -24.48 13.06 -3.20
C ASP A 397 -24.96 14.14 -2.26
N LYS A 398 -26.22 14.55 -2.36
CA LYS A 398 -26.72 15.60 -1.49
C LYS A 398 -26.79 15.33 0.01
N SER A 399 -26.82 14.06 0.41
CA SER A 399 -26.87 13.75 1.84
C SER A 399 -25.55 14.01 2.55
N LEU A 400 -24.47 14.19 1.78
CA LEU A 400 -23.15 14.45 2.35
C LEU A 400 -22.78 13.45 3.43
N ASN A 401 -22.79 12.16 3.09
CA ASN A 401 -22.45 11.13 4.06
C ASN A 401 -21.13 11.55 4.72
N PRO A 402 -21.13 11.73 6.06
CA PRO A 402 -19.90 12.14 6.74
C PRO A 402 -18.69 11.22 6.62
N VAL A 403 -18.91 9.96 6.26
CA VAL A 403 -17.81 9.00 6.12
C VAL A 403 -16.93 9.36 4.93
N LEU A 404 -17.56 9.83 3.85
CA LEU A 404 -16.82 10.20 2.65
C LEU A 404 -15.93 11.41 2.98
N THR A 405 -16.51 12.37 3.69
CA THR A 405 -15.79 13.57 4.08
C THR A 405 -14.60 13.25 4.99
N ALA A 406 -14.82 12.40 5.98
CA ALA A 406 -13.75 12.04 6.91
C ALA A 406 -12.60 11.29 6.26
N ARG A 407 -12.91 10.38 5.37
CA ARG A 407 -11.87 9.60 4.70
C ARG A 407 -11.08 10.52 3.77
N PHE A 408 -11.78 11.43 3.09
CA PHE A 408 -11.11 12.38 2.20
C PHE A 408 -10.12 13.18 3.04
N ASN A 409 -10.58 13.71 4.17
CA ASN A 409 -9.74 14.52 5.02
C ASN A 409 -8.52 13.76 5.52
N ARG A 410 -8.68 12.46 5.78
CA ARG A 410 -7.58 11.64 6.24
C ARG A 410 -6.52 11.53 5.13
N GLU A 411 -6.97 11.30 3.90
CA GLU A 411 -6.05 11.18 2.77
C GLU A 411 -5.26 12.49 2.58
N ILE A 412 -5.95 13.62 2.66
CA ILE A 412 -5.30 14.91 2.48
C ILE A 412 -4.31 15.21 3.60
N GLU A 413 -4.73 14.99 4.85
CA GLU A 413 -3.86 15.28 5.98
C GLU A 413 -2.58 14.43 5.93
N THR A 414 -2.70 13.19 5.50
CA THR A 414 -1.53 12.33 5.42
C THR A 414 -0.65 12.75 4.25
N MET A 415 -1.28 13.10 3.13
CA MET A 415 -0.54 13.55 1.95
C MET A 415 0.35 14.74 2.34
N PHE A 416 -0.24 15.70 3.05
CA PHE A 416 0.50 16.88 3.47
C PHE A 416 1.53 16.62 4.57
N ASP A 417 1.12 15.96 5.64
CA ASP A 417 2.04 15.71 6.74
C ASP A 417 3.28 14.89 6.37
N ASP A 418 3.12 13.93 5.46
CA ASP A 418 4.26 13.13 5.04
C ASP A 418 5.24 14.03 4.28
N THR A 419 4.69 14.95 3.49
CA THR A 419 5.50 15.88 2.70
C THR A 419 6.18 16.86 3.66
N ARG A 420 5.42 17.34 4.63
CA ARG A 420 5.94 18.25 5.63
C ARG A 420 7.15 17.61 6.31
N ASP A 421 7.00 16.36 6.74
CA ASP A 421 8.08 15.63 7.39
C ASP A 421 9.29 15.46 6.49
N PHE A 422 9.03 15.07 5.24
CA PHE A 422 10.11 14.87 4.29
C PHE A 422 10.92 16.14 4.08
N ILE A 423 10.22 17.26 3.86
CA ILE A 423 10.89 18.54 3.64
C ILE A 423 11.70 18.96 4.87
N GLN A 424 11.11 18.84 6.05
CA GLN A 424 11.83 19.20 7.27
C GLN A 424 13.16 18.46 7.36
N ALA A 425 13.17 17.19 6.94
CA ALA A 425 14.38 16.38 6.98
C ALA A 425 15.52 16.97 6.14
N HIS A 426 15.18 17.73 5.10
CA HIS A 426 16.19 18.35 4.22
C HIS A 426 17.03 19.33 5.03
N PHE A 427 16.37 20.03 5.96
CA PHE A 427 17.04 21.02 6.80
C PHE A 427 17.59 20.42 8.08
N TYR A 428 16.83 19.51 8.67
CA TYR A 428 17.24 18.87 9.92
C TYR A 428 18.53 18.07 9.78
N PHE A 429 18.71 17.43 8.63
CA PHE A 429 19.89 16.61 8.42
C PHE A 429 21.02 17.26 7.60
N SER A 430 20.90 18.56 7.34
CA SER A 430 21.98 19.24 6.63
C SER A 430 23.11 19.33 7.66
N PRO A 431 24.37 19.15 7.22
CA PRO A 431 25.45 19.24 8.21
C PRO A 431 25.84 20.68 8.56
N ARG A 432 25.28 21.65 7.83
CA ARG A 432 25.59 23.06 8.07
C ARG A 432 25.21 23.59 9.44
N THR A 433 26.11 24.40 10.00
CA THR A 433 25.94 25.01 11.32
C THR A 433 26.49 26.44 11.27
N ASP A 434 26.65 26.96 10.05
CA ASP A 434 27.24 28.29 9.85
C ASP A 434 26.39 29.54 10.01
N THR A 435 25.06 29.41 10.07
CA THR A 435 24.20 30.59 10.28
C THR A 435 23.16 30.24 11.34
N PRO A 436 22.53 31.27 11.94
CA PRO A 436 21.52 30.95 12.96
C PRO A 436 20.41 30.07 12.40
N PHE A 437 20.06 30.27 11.13
CA PHE A 437 19.03 29.48 10.46
C PHE A 437 19.35 27.99 10.47
N TRP A 438 20.48 27.61 9.88
CA TRP A 438 20.84 26.20 9.84
C TRP A 438 20.96 25.58 11.22
N ARG A 439 21.47 26.35 12.19
CA ARG A 439 21.59 25.85 13.54
C ARG A 439 20.20 25.66 14.19
N ALA A 440 19.31 26.62 13.97
CA ALA A 440 17.97 26.54 14.55
C ALA A 440 17.21 25.31 14.05
N ASN A 441 17.37 25.00 12.76
CA ASN A 441 16.70 23.84 12.20
C ASN A 441 16.96 22.55 12.97
N LYS A 442 18.17 22.41 13.51
CA LYS A 442 18.52 21.21 14.27
C LYS A 442 17.90 21.20 15.66
N GLU A 443 17.38 22.35 16.10
CA GLU A 443 16.76 22.44 17.42
C GLU A 443 15.26 22.13 17.38
N LEU A 444 14.71 21.99 16.17
CA LEU A 444 13.30 21.65 16.06
C LEU A 444 13.19 20.14 16.22
N ARG A 445 12.00 19.65 16.48
CA ARG A 445 11.77 18.22 16.64
C ARG A 445 11.07 17.67 15.42
N LEU A 446 11.43 16.45 15.03
CA LEU A 446 10.80 15.78 13.92
C LEU A 446 9.52 15.17 14.47
N ALA A 447 8.50 15.02 13.63
CA ALA A 447 7.25 14.41 14.07
C ALA A 447 7.56 12.96 14.40
N ASP A 448 6.77 12.35 15.29
CA ASP A 448 7.01 10.95 15.67
C ASP A 448 7.08 10.01 14.48
N GLY A 449 6.15 10.19 13.54
CA GLY A 449 6.14 9.35 12.36
C GLY A 449 7.40 9.46 11.54
N MET A 450 7.99 10.66 11.51
CA MET A 450 9.23 10.86 10.77
C MET A 450 10.40 10.23 11.52
N GLN A 451 10.42 10.41 12.84
CA GLN A 451 11.48 9.85 13.66
C GLN A 451 11.50 8.33 13.54
N GLU A 452 10.32 7.72 13.41
CA GLU A 452 10.28 6.28 13.27
C GLU A 452 10.93 5.88 11.95
N LYS A 453 10.71 6.69 10.92
CA LYS A 453 11.32 6.41 9.61
C LYS A 453 12.84 6.50 9.73
N ILE A 454 13.33 7.52 10.43
CA ILE A 454 14.77 7.68 10.60
C ILE A 454 15.33 6.52 11.43
N ASP A 455 14.58 6.08 12.44
CA ASP A 455 15.04 4.95 13.24
C ASP A 455 15.21 3.76 12.31
N MET A 456 14.23 3.53 11.45
CA MET A 456 14.27 2.43 10.51
C MET A 456 15.46 2.59 9.56
N TYR A 457 15.61 3.79 9.02
CA TYR A 457 16.71 4.08 8.11
C TYR A 457 18.06 3.73 8.74
N ARG A 458 18.29 4.21 9.96
CA ARG A 458 19.54 3.96 10.66
C ARG A 458 19.77 2.48 10.94
N ALA A 459 18.67 1.73 11.08
CA ALA A 459 18.75 0.30 11.34
C ALA A 459 19.02 -0.46 10.05
N GLY A 460 19.19 0.28 8.95
CA GLY A 460 19.47 -0.35 7.67
C GLY A 460 18.26 -0.78 6.87
N MET A 461 17.07 -0.48 7.36
CA MET A 461 15.84 -0.84 6.67
C MET A 461 15.47 0.15 5.58
N ALA A 462 14.72 -0.32 4.59
CA ALA A 462 14.25 0.57 3.55
C ALA A 462 13.09 1.34 4.19
N ILE A 463 12.78 2.51 3.64
CA ILE A 463 11.66 3.30 4.13
C ILE A 463 10.65 3.32 3.00
N ASN A 464 9.46 2.76 3.22
CA ASN A 464 8.44 2.75 2.18
C ASN A 464 8.99 2.23 0.85
N ALA A 465 9.63 1.07 0.89
CA ALA A 465 10.17 0.48 -0.33
C ALA A 465 9.01 0.28 -1.29
N PRO A 466 9.22 0.55 -2.59
CA PRO A 466 8.12 0.37 -3.57
C PRO A 466 7.78 -1.12 -3.70
N ALA A 467 6.52 -1.43 -3.97
CA ALA A 467 6.12 -2.83 -4.10
C ALA A 467 6.86 -3.48 -5.26
N SER A 468 7.10 -2.68 -6.30
CA SER A 468 7.79 -3.13 -7.50
C SER A 468 8.77 -2.06 -7.92
N ASP A 469 9.87 -2.44 -8.57
CA ASP A 469 10.82 -1.43 -9.02
C ASP A 469 10.49 -1.01 -10.45
N ASP A 470 9.30 -1.40 -10.91
CA ASP A 470 8.85 -1.05 -12.26
C ASP A 470 8.28 0.37 -12.21
N ALA A 471 9.03 1.33 -12.76
CA ALA A 471 8.60 2.71 -12.74
C ALA A 471 7.38 2.98 -13.61
N GLN A 472 7.24 2.21 -14.69
CA GLN A 472 6.10 2.39 -15.58
C GLN A 472 4.81 2.11 -14.84
N LEU A 473 4.81 1.10 -13.98
CA LEU A 473 3.62 0.77 -13.21
C LEU A 473 3.38 1.90 -12.22
N TYR A 474 4.43 2.26 -11.49
CA TYR A 474 4.39 3.31 -10.47
C TYR A 474 3.77 4.61 -11.00
N TYR A 475 4.41 5.22 -12.00
CA TYR A 475 3.93 6.46 -12.57
C TYR A 475 2.71 6.30 -13.47
N GLY A 476 2.39 5.06 -13.81
CA GLY A 476 1.23 4.83 -14.66
C GLY A 476 -0.06 4.51 -13.93
N ASN A 477 0.04 4.27 -12.62
CA ASN A 477 -1.11 3.92 -11.78
C ASN A 477 -1.13 4.84 -10.55
N PHE A 478 -1.96 5.88 -10.59
CA PHE A 478 -2.00 6.84 -9.49
C PHE A 478 -2.23 6.20 -8.12
N GLU A 479 -3.10 5.21 -8.07
CA GLU A 479 -3.40 4.55 -6.81
C GLU A 479 -2.12 3.95 -6.24
N GLU A 480 -1.36 3.28 -7.09
CA GLU A 480 -0.10 2.67 -6.68
C GLU A 480 0.85 3.73 -6.13
N GLU A 481 1.04 4.82 -6.86
CA GLU A 481 1.95 5.88 -6.41
C GLU A 481 1.46 6.64 -5.19
N PHE A 482 0.18 7.02 -5.17
CA PHE A 482 -0.34 7.78 -4.03
C PHE A 482 -0.15 7.03 -2.71
N ARG A 483 -0.24 5.70 -2.74
CA ARG A 483 -0.07 4.87 -1.55
C ARG A 483 1.41 4.72 -1.17
N ASN A 484 2.30 5.11 -2.06
CA ASN A 484 3.74 4.99 -1.83
C ASN A 484 4.40 6.21 -2.46
N PHE A 485 3.83 7.38 -2.20
CA PHE A 485 4.33 8.63 -2.80
C PHE A 485 5.79 8.93 -2.49
N TRP A 486 6.18 8.86 -1.23
CA TRP A 486 7.58 9.08 -0.84
C TRP A 486 8.10 7.67 -0.57
N ASN A 487 8.85 7.11 -1.51
CA ASN A 487 9.36 5.76 -1.35
C ASN A 487 10.85 5.74 -0.99
N ASN A 488 11.36 4.55 -0.65
CA ASN A 488 12.75 4.36 -0.26
C ASN A 488 13.76 5.10 -1.16
N SER A 489 13.49 5.12 -2.45
CA SER A 489 14.39 5.79 -3.40
C SER A 489 14.51 7.28 -3.05
N ASN A 490 13.37 7.92 -2.81
CA ASN A 490 13.31 9.33 -2.48
C ASN A 490 14.03 9.61 -1.17
N TYR A 491 13.75 8.81 -0.14
CA TYR A 491 14.38 8.99 1.15
C TYR A 491 15.91 8.82 1.07
N TYR A 492 16.40 7.85 0.29
CA TYR A 492 17.84 7.67 0.20
C TYR A 492 18.49 8.83 -0.57
N CYS A 493 17.87 9.26 -1.66
CA CYS A 493 18.43 10.38 -2.43
C CYS A 493 18.69 11.58 -1.53
N VAL A 494 17.69 11.95 -0.73
CA VAL A 494 17.82 13.09 0.16
C VAL A 494 18.65 12.85 1.42
N LEU A 495 18.39 11.76 2.13
CA LEU A 495 19.13 11.48 3.35
C LEU A 495 20.60 11.19 3.08
N ALA A 496 20.87 10.23 2.20
CA ALA A 496 22.25 9.90 1.88
C ALA A 496 22.92 11.11 1.23
N GLY A 497 22.18 11.80 0.36
CA GLY A 497 22.71 12.98 -0.31
C GLY A 497 23.23 13.99 0.70
N LEU A 498 22.47 14.21 1.76
CA LEU A 498 22.86 15.16 2.79
C LEU A 498 23.95 14.60 3.69
N GLY A 499 24.13 13.28 3.68
CA GLY A 499 25.16 12.68 4.51
C GLY A 499 24.67 11.73 5.59
N LEU A 500 23.35 11.63 5.78
CA LEU A 500 22.81 10.71 6.78
C LEU A 500 22.77 9.30 6.20
N VAL A 501 23.50 8.38 6.83
CA VAL A 501 23.54 7.00 6.37
C VAL A 501 23.24 6.09 7.56
N PRO A 502 22.93 4.81 7.28
CA PRO A 502 22.62 3.84 8.35
C PRO A 502 23.79 3.68 9.32
N ASP A 503 23.50 3.24 10.54
CA ASP A 503 24.55 3.03 11.54
C ASP A 503 25.43 1.88 11.09
N ALA A 504 24.87 0.98 10.29
CA ALA A 504 25.59 -0.19 9.80
C ALA A 504 24.78 -0.81 8.66
N PRO A 505 25.42 -1.67 7.85
CA PRO A 505 24.70 -2.32 6.73
C PRO A 505 23.55 -3.19 7.18
N SER A 506 22.61 -3.44 6.26
CA SER A 506 21.49 -4.31 6.59
C SER A 506 22.10 -5.63 6.99
N PRO A 507 21.78 -6.10 8.22
CA PRO A 507 22.34 -7.38 8.68
C PRO A 507 22.03 -8.63 7.84
N ARG A 508 20.98 -8.58 7.04
CA ARG A 508 20.65 -9.75 6.23
C ARG A 508 21.60 -9.94 5.05
N LEU A 509 22.37 -8.91 4.71
CA LEU A 509 23.30 -9.01 3.60
C LEU A 509 24.47 -9.95 3.90
N ALA A 510 24.84 -10.05 5.16
CA ALA A 510 25.93 -10.94 5.58
C ALA A 510 25.53 -12.39 5.35
N HIS A 511 24.23 -12.62 5.13
CA HIS A 511 23.73 -13.97 4.89
C HIS A 511 23.44 -14.17 3.42
N MET A 512 23.88 -13.22 2.59
CA MET A 512 23.63 -13.29 1.15
C MET A 512 24.91 -13.05 0.32
N PRO A 513 25.96 -13.84 0.58
CA PRO A 513 27.23 -13.70 -0.15
C PRO A 513 27.10 -13.76 -1.68
N GLN A 514 26.20 -14.58 -2.18
CA GLN A 514 26.00 -14.70 -3.62
C GLN A 514 25.37 -13.44 -4.19
N ALA A 515 24.44 -12.85 -3.44
CA ALA A 515 23.76 -11.64 -3.89
C ALA A 515 24.72 -10.43 -3.87
N THR A 516 25.47 -10.28 -2.78
CA THR A 516 26.39 -9.16 -2.70
C THR A 516 27.53 -9.29 -3.72
N GLU A 517 27.67 -10.46 -4.32
CA GLU A 517 28.71 -10.66 -5.31
C GLU A 517 28.14 -10.38 -6.69
N SER A 518 26.95 -10.90 -6.98
CA SER A 518 26.33 -10.69 -8.27
C SER A 518 25.82 -9.26 -8.48
N VAL A 519 25.68 -8.50 -7.41
CA VAL A 519 25.18 -7.13 -7.53
C VAL A 519 26.20 -6.27 -8.28
N ASP A 520 27.41 -6.78 -8.40
CA ASP A 520 28.49 -6.09 -9.09
C ASP A 520 28.03 -5.67 -10.48
N GLU A 521 27.35 -6.56 -11.17
CA GLU A 521 26.88 -6.26 -12.51
C GLU A 521 25.69 -5.32 -12.56
N VAL A 522 24.97 -5.19 -11.44
CA VAL A 522 23.84 -4.28 -11.39
C VAL A 522 24.43 -2.86 -11.41
N PHE A 523 25.50 -2.66 -10.63
CA PHE A 523 26.15 -1.36 -10.58
C PHE A 523 26.85 -1.12 -11.91
N GLY A 524 27.32 -2.19 -12.53
CA GLY A 524 28.00 -2.08 -13.81
C GLY A 524 27.05 -1.68 -14.92
N ALA A 525 25.80 -2.12 -14.82
CA ALA A 525 24.81 -1.79 -15.83
C ALA A 525 24.50 -0.31 -15.80
N VAL A 526 24.45 0.27 -14.59
CA VAL A 526 24.19 1.69 -14.45
C VAL A 526 25.34 2.47 -15.07
N LYS A 527 26.55 1.97 -14.85
CA LYS A 527 27.75 2.60 -15.40
C LYS A 527 27.75 2.59 -16.92
N ASP A 528 27.30 1.49 -17.53
CA ASP A 528 27.27 1.42 -18.98
C ASP A 528 26.20 2.36 -19.55
N ARG A 529 25.07 2.49 -18.86
CA ARG A 529 24.02 3.38 -19.32
C ARG A 529 24.49 4.81 -19.16
N GLN A 530 25.21 5.08 -18.08
CA GLN A 530 25.74 6.41 -17.84
C GLN A 530 26.63 6.82 -19.01
N ARG A 531 27.53 5.91 -19.38
CA ARG A 531 28.47 6.16 -20.47
C ARG A 531 27.79 6.23 -21.84
N ASN A 532 26.92 5.27 -22.14
CA ASN A 532 26.24 5.23 -23.43
C ASN A 532 25.32 6.42 -23.67
N LEU A 533 24.53 6.78 -22.66
CA LEU A 533 23.62 7.92 -22.79
C LEU A 533 24.40 9.22 -22.92
N LEU A 534 25.48 9.34 -22.15
CA LEU A 534 26.30 10.55 -22.19
C LEU A 534 26.89 10.76 -23.58
N GLU A 535 27.29 9.68 -24.24
CA GLU A 535 27.89 9.77 -25.56
C GLU A 535 26.88 9.86 -26.70
N THR A 536 25.63 9.46 -26.48
CA THR A 536 24.65 9.49 -27.55
C THR A 536 23.51 10.52 -27.47
N LEU A 537 23.17 10.96 -26.28
CA LEU A 537 22.07 11.92 -26.12
C LEU A 537 22.34 13.35 -26.57
N PRO A 538 21.31 13.99 -27.16
CA PRO A 538 21.49 15.37 -27.60
C PRO A 538 21.35 16.22 -26.33
N SER A 539 21.73 17.49 -26.40
CA SER A 539 21.59 18.35 -25.24
C SER A 539 20.12 18.72 -25.14
N LEU A 540 19.67 19.11 -23.95
CA LEU A 540 18.27 19.49 -23.79
C LEU A 540 17.93 20.59 -24.78
N HIS A 541 18.83 21.58 -24.89
CA HIS A 541 18.60 22.69 -25.81
C HIS A 541 18.40 22.20 -27.25
N GLU A 542 19.26 21.29 -27.68
CA GLU A 542 19.18 20.73 -29.02
C GLU A 542 17.79 20.13 -29.27
N PHE A 543 17.29 19.35 -28.32
CA PHE A 543 15.98 18.72 -28.47
C PHE A 543 14.86 19.74 -28.48
N LEU A 544 14.94 20.74 -27.60
CA LEU A 544 13.91 21.77 -27.54
C LEU A 544 13.84 22.54 -28.86
N ARG A 545 15.01 22.77 -29.46
CA ARG A 545 15.05 23.48 -30.74
C ARG A 545 14.18 22.78 -31.77
N GLN A 546 14.39 21.48 -31.93
CA GLN A 546 13.63 20.71 -32.90
C GLN A 546 12.15 20.64 -32.50
N GLN A 547 11.93 20.41 -31.21
CA GLN A 547 10.60 20.24 -30.65
C GLN A 547 9.63 21.40 -30.63
N HIS A 548 9.98 22.49 -29.94
CA HIS A 548 9.06 23.65 -29.83
C HIS A 548 8.88 24.52 -31.08
N SER B 22 28.42 -6.56 16.19
CA SER B 22 28.67 -7.62 17.24
C SER B 22 28.71 -9.02 16.61
N GLY B 23 28.71 -9.04 15.29
CA GLY B 23 28.76 -10.30 14.55
C GLY B 23 27.40 -10.82 14.13
N LYS B 24 27.39 -11.52 12.99
CA LYS B 24 26.13 -12.03 12.45
C LYS B 24 25.64 -13.19 13.32
N ILE B 25 24.40 -13.61 13.07
CA ILE B 25 23.78 -14.73 13.76
C ILE B 25 24.50 -15.96 13.20
N ASP B 26 25.06 -16.80 14.06
CA ASP B 26 25.75 -18.00 13.58
C ASP B 26 24.93 -19.27 13.77
N LYS B 27 24.25 -19.38 14.90
CA LYS B 27 23.45 -20.57 15.18
C LYS B 27 21.99 -20.24 15.45
N ILE B 28 21.11 -21.07 14.93
CA ILE B 28 19.68 -20.89 15.13
C ILE B 28 19.07 -22.19 15.64
N LEU B 29 18.30 -22.10 16.72
CA LEU B 29 17.63 -23.27 17.25
C LEU B 29 16.12 -23.10 17.11
N ILE B 30 15.50 -24.05 16.43
CA ILE B 30 14.05 -24.03 16.24
C ILE B 30 13.48 -25.08 17.19
N VAL B 31 12.56 -24.68 18.06
CA VAL B 31 11.97 -25.62 18.98
C VAL B 31 10.55 -25.94 18.52
N GLY B 32 10.33 -27.19 18.12
CA GLY B 32 9.03 -27.61 17.64
C GLY B 32 9.18 -28.09 16.20
N GLY B 33 8.67 -29.28 15.89
CA GLY B 33 8.82 -29.81 14.56
C GLY B 33 7.56 -30.17 13.79
N GLY B 34 6.54 -29.32 13.85
CA GLY B 34 5.34 -29.63 13.12
C GLY B 34 5.40 -28.90 11.79
N THR B 35 4.24 -28.49 11.28
CA THR B 35 4.18 -27.76 10.03
C THR B 35 4.97 -26.45 10.12
N ALA B 36 4.73 -25.69 11.19
CA ALA B 36 5.40 -24.41 11.39
C ALA B 36 6.90 -24.55 11.55
N GLY B 37 7.31 -25.51 12.38
CA GLY B 37 8.73 -25.76 12.62
C GLY B 37 9.52 -26.12 11.38
N TRP B 38 9.00 -27.05 10.56
CA TRP B 38 9.71 -27.44 9.35
C TRP B 38 9.65 -26.40 8.24
N MET B 39 8.65 -25.52 8.28
CA MET B 39 8.56 -24.46 7.28
C MET B 39 9.64 -23.43 7.65
N ALA B 40 9.82 -23.22 8.96
CA ALA B 40 10.83 -22.28 9.44
C ALA B 40 12.22 -22.79 9.08
N ALA B 41 12.47 -24.08 9.31
CA ALA B 41 13.76 -24.67 9.00
C ALA B 41 14.06 -24.59 7.50
N SER B 42 13.04 -24.82 6.69
CA SER B 42 13.19 -24.77 5.24
C SER B 42 13.43 -23.35 4.75
N TYR B 43 12.54 -22.44 5.12
CA TYR B 43 12.65 -21.05 4.69
C TYR B 43 13.95 -20.41 5.17
N LEU B 44 14.25 -20.56 6.45
CA LEU B 44 15.47 -19.98 6.99
C LEU B 44 16.70 -20.71 6.43
N GLY B 45 16.61 -22.03 6.29
CA GLY B 45 17.72 -22.78 5.75
C GLY B 45 18.02 -22.30 4.34
N LYS B 46 16.97 -21.96 3.59
CA LYS B 46 17.12 -21.50 2.23
C LYS B 46 17.64 -20.07 2.19
N ALA B 47 17.00 -19.19 2.98
CA ALA B 47 17.36 -17.78 3.02
C ALA B 47 18.77 -17.48 3.54
N LEU B 48 19.23 -18.27 4.49
CA LEU B 48 20.55 -18.05 5.09
C LEU B 48 21.58 -19.10 4.65
N GLN B 49 21.22 -19.90 3.65
CA GLN B 49 22.09 -20.97 3.15
C GLN B 49 23.59 -20.72 3.27
N GLY B 50 24.27 -21.58 4.03
CA GLY B 50 25.70 -21.49 4.19
C GLY B 50 26.23 -20.39 5.10
N THR B 51 25.35 -19.67 5.77
CA THR B 51 25.79 -18.59 6.66
C THR B 51 25.22 -18.71 8.08
N ALA B 52 24.60 -19.84 8.36
CA ALA B 52 24.04 -20.09 9.69
C ALA B 52 23.80 -21.57 9.91
N ASP B 53 24.07 -22.04 11.12
CA ASP B 53 23.86 -23.43 11.47
C ASP B 53 22.51 -23.54 12.16
N ILE B 54 21.61 -24.34 11.57
CA ILE B 54 20.26 -24.52 12.11
C ILE B 54 19.98 -25.92 12.64
N THR B 55 19.43 -25.95 13.84
CA THR B 55 19.08 -27.20 14.48
C THR B 55 17.61 -27.13 14.87
N LEU B 56 16.85 -28.16 14.52
CA LEU B 56 15.45 -28.19 14.90
C LEU B 56 15.29 -29.29 15.96
N LEU B 57 14.78 -28.88 17.11
CA LEU B 57 14.59 -29.76 18.25
C LEU B 57 13.10 -30.08 18.40
N GLN B 58 12.74 -31.36 18.28
CA GLN B 58 11.34 -31.73 18.43
C GLN B 58 11.10 -33.02 19.20
N ALA B 59 10.14 -32.96 20.11
CA ALA B 59 9.78 -34.09 20.94
C ALA B 59 8.82 -35.01 20.20
N PRO B 60 8.92 -36.32 20.45
CA PRO B 60 8.05 -37.28 19.79
C PRO B 60 6.80 -37.51 20.64
N ASP B 61 5.62 -37.22 20.09
CA ASP B 61 4.40 -37.47 20.85
C ASP B 61 3.24 -37.84 19.93
N ILE B 62 2.13 -38.29 20.53
CA ILE B 62 0.98 -38.75 19.76
C ILE B 62 0.51 -37.83 18.64
N PRO B 63 0.61 -38.32 17.39
CA PRO B 63 0.19 -37.55 16.21
C PRO B 63 -1.34 -37.46 16.21
N THR B 64 -1.87 -36.52 15.43
CA THR B 64 -3.30 -36.35 15.33
C THR B 64 -3.76 -36.86 13.97
N LEU B 65 -5.07 -36.85 13.76
CA LEU B 65 -5.64 -37.29 12.49
C LEU B 65 -5.38 -36.22 11.44
N GLY B 66 -5.33 -36.62 10.17
CA GLY B 66 -5.11 -35.66 9.11
C GLY B 66 -6.45 -35.00 8.79
N VAL B 67 -6.87 -34.07 9.64
CA VAL B 67 -8.15 -33.40 9.47
C VAL B 67 -8.21 -32.42 8.31
N GLY B 68 -7.08 -32.26 7.61
CA GLY B 68 -7.04 -31.39 6.44
C GLY B 68 -6.73 -29.92 6.65
N GLU B 69 -6.05 -29.34 5.68
CA GLU B 69 -5.67 -27.92 5.69
C GLU B 69 -5.94 -27.29 4.32
N ALA B 70 -6.56 -26.12 4.33
CA ALA B 70 -6.83 -25.38 3.09
C ALA B 70 -5.83 -24.22 3.02
N THR B 71 -5.46 -23.82 1.82
CA THR B 71 -4.47 -22.78 1.63
C THR B 71 -4.88 -21.69 0.63
N ILE B 72 -3.96 -20.78 0.34
CA ILE B 72 -4.22 -19.71 -0.62
C ILE B 72 -3.12 -19.69 -1.66
N PRO B 73 -3.40 -19.09 -2.84
CA PRO B 73 -2.44 -19.01 -3.95
C PRO B 73 -0.99 -18.68 -3.66
N ASN B 74 -0.71 -17.73 -2.77
CA ASN B 74 0.69 -17.38 -2.53
C ASN B 74 1.53 -18.43 -1.81
N LEU B 75 0.92 -19.57 -1.46
CA LEU B 75 1.68 -20.64 -0.82
C LEU B 75 2.77 -21.05 -1.81
N GLN B 76 2.41 -21.10 -3.09
CA GLN B 76 3.38 -21.48 -4.11
C GLN B 76 4.34 -20.35 -4.46
N THR B 77 3.81 -19.16 -4.72
CA THR B 77 4.67 -18.04 -5.08
C THR B 77 5.54 -17.48 -3.97
N ALA B 78 5.03 -17.47 -2.75
CA ALA B 78 5.80 -16.92 -1.62
C ALA B 78 6.58 -17.95 -0.82
N PHE B 79 6.15 -19.21 -0.87
CA PHE B 79 6.85 -20.23 -0.10
C PHE B 79 7.60 -21.28 -0.92
N PHE B 80 6.86 -22.16 -1.60
CA PHE B 80 7.53 -23.19 -2.40
C PHE B 80 8.43 -22.62 -3.49
N ASP B 81 8.03 -21.54 -4.14
CA ASP B 81 8.88 -20.94 -5.17
C ASP B 81 10.15 -20.41 -4.55
N PHE B 82 10.05 -19.92 -3.31
CA PHE B 82 11.22 -19.39 -2.62
C PHE B 82 12.20 -20.53 -2.33
N LEU B 83 11.67 -21.72 -2.03
CA LEU B 83 12.50 -22.87 -1.73
C LEU B 83 13.07 -23.49 -3.00
N GLY B 84 12.45 -23.15 -4.14
CA GLY B 84 12.89 -23.69 -5.41
C GLY B 84 12.22 -25.02 -5.71
N ILE B 85 11.03 -25.21 -5.12
CA ILE B 85 10.28 -26.46 -5.29
C ILE B 85 9.03 -26.32 -6.16
N PRO B 86 9.03 -27.00 -7.32
CA PRO B 86 7.92 -26.99 -8.29
C PRO B 86 6.62 -27.45 -7.65
N GLU B 87 5.50 -26.87 -8.09
CA GLU B 87 4.19 -27.24 -7.58
C GLU B 87 3.93 -28.72 -7.77
N ASP B 88 4.28 -29.23 -8.94
CA ASP B 88 4.07 -30.65 -9.26
C ASP B 88 4.80 -31.55 -8.29
N GLU B 89 6.03 -31.18 -7.97
CA GLU B 89 6.85 -31.97 -7.06
C GLU B 89 6.24 -32.16 -5.69
N TRP B 90 5.90 -31.06 -5.02
CA TRP B 90 5.34 -31.19 -3.67
C TRP B 90 3.89 -31.64 -3.58
N MET B 91 3.02 -31.19 -4.48
CA MET B 91 1.62 -31.61 -4.33
C MET B 91 1.35 -33.07 -4.64
N ARG B 92 2.20 -33.70 -5.45
CA ARG B 92 2.00 -35.11 -5.73
C ARG B 92 2.52 -35.95 -4.56
N GLU B 93 3.62 -35.51 -3.97
CA GLU B 93 4.19 -36.22 -2.84
C GLU B 93 3.33 -36.00 -1.60
N CYS B 94 2.45 -35.00 -1.67
CA CYS B 94 1.57 -34.70 -0.53
C CYS B 94 0.10 -35.00 -0.82
N ASN B 95 -0.14 -35.73 -1.91
CA ASN B 95 -1.50 -36.11 -2.31
C ASN B 95 -2.51 -34.98 -2.13
N ALA B 96 -2.17 -33.82 -2.66
CA ALA B 96 -3.04 -32.64 -2.53
C ALA B 96 -4.09 -32.50 -3.61
N SER B 97 -5.14 -31.75 -3.28
CA SER B 97 -6.22 -31.47 -4.22
C SER B 97 -6.26 -29.96 -4.44
N TYR B 98 -7.18 -29.49 -5.29
CA TYR B 98 -7.29 -28.07 -5.60
C TYR B 98 -8.43 -27.33 -4.93
N LYS B 99 -8.18 -26.06 -4.63
CA LYS B 99 -9.17 -25.19 -4.01
C LYS B 99 -9.30 -23.92 -4.85
N VAL B 100 -10.52 -23.60 -5.25
CA VAL B 100 -10.78 -22.41 -6.06
C VAL B 100 -11.54 -21.37 -5.24
N ALA B 101 -12.13 -21.81 -4.13
CA ALA B 101 -12.88 -20.89 -3.29
C ALA B 101 -13.33 -21.57 -2.02
N ILE B 102 -14.02 -20.81 -1.18
CA ILE B 102 -14.60 -21.32 0.04
C ILE B 102 -16.07 -21.12 -0.22
N LYS B 103 -16.85 -22.17 -0.03
CA LYS B 103 -18.28 -22.09 -0.25
C LYS B 103 -18.98 -22.03 1.09
N PHE B 104 -19.60 -20.89 1.39
CA PHE B 104 -20.31 -20.72 2.65
C PHE B 104 -21.73 -21.25 2.50
N ILE B 105 -22.06 -22.24 3.32
CA ILE B 105 -23.36 -22.87 3.26
C ILE B 105 -24.20 -22.67 4.52
N ASN B 106 -25.45 -22.26 4.32
CA ASN B 106 -26.41 -22.05 5.42
C ASN B 106 -26.07 -20.97 6.46
N TRP B 107 -25.37 -19.92 6.04
CA TRP B 107 -25.03 -18.86 6.97
C TRP B 107 -26.18 -17.85 7.07
N ARG B 108 -27.13 -17.96 6.17
CA ARG B 108 -28.27 -17.04 6.13
C ARG B 108 -29.60 -17.65 6.57
N THR B 109 -29.63 -18.96 6.78
CA THR B 109 -30.89 -19.63 7.16
C THR B 109 -30.85 -20.36 8.50
N ALA B 110 -31.97 -20.29 9.22
CA ALA B 110 -32.11 -20.93 10.52
C ALA B 110 -32.15 -22.45 10.37
N GLY B 111 -31.71 -23.17 11.40
CA GLY B 111 -31.75 -24.62 11.34
C GLY B 111 -30.60 -25.37 11.97
N GLU B 112 -30.67 -26.69 11.87
CA GLU B 112 -29.66 -27.58 12.43
C GLU B 112 -28.44 -27.60 11.52
N GLY B 113 -27.37 -28.22 12.00
CA GLY B 113 -26.15 -28.31 11.22
C GLY B 113 -26.25 -29.44 10.22
N THR B 114 -26.40 -29.09 8.94
CA THR B 114 -26.50 -30.08 7.89
C THR B 114 -25.55 -29.78 6.74
N SER B 115 -25.14 -30.82 6.02
CA SER B 115 -24.22 -30.64 4.91
C SER B 115 -24.95 -30.17 3.65
N GLU B 116 -26.27 -30.11 3.71
CA GLU B 116 -27.06 -29.68 2.56
C GLU B 116 -27.59 -28.27 2.72
N ALA B 117 -27.41 -27.47 1.68
CA ALA B 117 -27.86 -26.09 1.68
C ALA B 117 -29.38 -25.99 1.73
N ARG B 118 -29.89 -25.12 2.61
CA ARG B 118 -31.32 -24.91 2.73
C ARG B 118 -31.73 -23.94 1.63
N GLU B 119 -33.03 -23.81 1.37
CA GLU B 119 -33.50 -22.91 0.34
C GLU B 119 -33.65 -21.48 0.84
N LEU B 120 -33.29 -20.53 -0.02
CA LEU B 120 -33.37 -19.11 0.30
C LEU B 120 -33.62 -18.30 -0.95
N ASP B 121 -34.68 -17.50 -0.92
CA ASP B 121 -35.06 -16.67 -2.05
C ASP B 121 -35.02 -17.42 -3.37
N GLY B 122 -35.62 -18.61 -3.37
CA GLY B 122 -35.69 -19.42 -4.57
C GLY B 122 -34.43 -20.16 -4.98
N GLY B 123 -33.46 -20.27 -4.08
CA GLY B 123 -32.23 -20.96 -4.40
C GLY B 123 -31.52 -21.49 -3.16
N PRO B 124 -30.48 -22.33 -3.33
CA PRO B 124 -29.77 -22.87 -2.16
C PRO B 124 -29.02 -21.78 -1.39
N ASP B 125 -28.97 -21.92 -0.07
CA ASP B 125 -28.30 -20.93 0.76
C ASP B 125 -26.79 -21.07 0.76
N HIS B 126 -26.14 -20.53 -0.27
CA HIS B 126 -24.69 -20.56 -0.35
C HIS B 126 -24.14 -19.39 -1.17
N PHE B 127 -22.88 -19.07 -0.93
CA PHE B 127 -22.21 -18.01 -1.65
C PHE B 127 -20.72 -18.33 -1.63
N TYR B 128 -20.02 -17.88 -2.64
CA TYR B 128 -18.60 -18.16 -2.77
C TYR B 128 -17.67 -16.98 -2.51
N HIS B 129 -16.51 -17.30 -1.94
CA HIS B 129 -15.45 -16.32 -1.74
C HIS B 129 -14.34 -16.95 -2.56
N SER B 130 -14.20 -16.50 -3.80
CA SER B 130 -13.21 -17.03 -4.72
C SER B 130 -11.94 -16.22 -4.69
N PHE B 131 -10.86 -16.79 -5.22
CA PHE B 131 -9.59 -16.11 -5.30
C PHE B 131 -9.63 -15.15 -6.49
N GLY B 132 -8.62 -14.28 -6.57
CA GLY B 132 -8.58 -13.34 -7.67
C GLY B 132 -9.05 -11.95 -7.27
N LEU B 133 -9.15 -11.07 -8.26
CA LEU B 133 -9.56 -9.68 -8.01
C LEU B 133 -10.70 -9.25 -8.91
N LEU B 134 -11.61 -8.45 -8.35
CA LEU B 134 -12.73 -7.93 -9.11
C LEU B 134 -12.13 -7.03 -10.18
N LYS B 135 -12.69 -7.06 -11.39
CA LYS B 135 -12.18 -6.22 -12.47
C LYS B 135 -12.57 -4.77 -12.25
N TYR B 136 -11.70 -3.86 -12.68
CA TYR B 136 -11.97 -2.44 -12.58
C TYR B 136 -12.64 -1.97 -13.87
N HIS B 137 -13.66 -1.12 -13.74
CA HIS B 137 -14.32 -0.56 -14.90
C HIS B 137 -14.34 0.94 -14.69
N GLU B 138 -13.56 1.67 -15.49
CA GLU B 138 -13.47 3.11 -15.36
C GLU B 138 -13.03 3.50 -13.94
N GLN B 139 -11.98 2.81 -13.46
CA GLN B 139 -11.41 3.05 -12.13
C GLN B 139 -12.27 2.62 -10.94
N ILE B 140 -13.39 1.96 -11.19
CA ILE B 140 -14.28 1.51 -10.11
C ILE B 140 -14.47 -0.01 -10.13
N PRO B 141 -14.40 -0.66 -8.97
CA PRO B 141 -14.56 -2.12 -8.90
C PRO B 141 -15.94 -2.57 -9.40
N LEU B 142 -15.99 -3.71 -10.06
CA LEU B 142 -17.24 -4.23 -10.60
C LEU B 142 -18.31 -4.34 -9.53
N SER B 143 -17.88 -4.62 -8.30
CA SER B 143 -18.79 -4.74 -7.17
C SER B 143 -19.72 -3.53 -7.04
N HIS B 144 -19.20 -2.35 -7.34
CA HIS B 144 -20.01 -1.14 -7.22
C HIS B 144 -21.07 -1.04 -8.32
N TYR B 145 -20.72 -1.48 -9.52
CA TYR B 145 -21.66 -1.47 -10.63
C TYR B 145 -22.75 -2.49 -10.35
N TRP B 146 -22.36 -3.64 -9.83
CA TRP B 146 -23.32 -4.71 -9.51
C TRP B 146 -24.37 -4.21 -8.53
N PHE B 147 -23.92 -3.66 -7.41
CA PHE B 147 -24.85 -3.18 -6.40
C PHE B 147 -25.75 -2.07 -6.90
N ASP B 148 -25.21 -1.20 -7.75
CA ASP B 148 -26.00 -0.11 -8.30
C ASP B 148 -27.22 -0.70 -9.01
N ARG B 149 -26.98 -1.71 -9.84
CA ARG B 149 -28.05 -2.38 -10.57
C ARG B 149 -28.97 -3.16 -9.64
N SER B 150 -28.39 -3.84 -8.67
CA SER B 150 -29.20 -4.61 -7.74
C SER B 150 -30.13 -3.67 -6.98
N TYR B 151 -29.56 -2.57 -6.51
CA TYR B 151 -30.29 -1.58 -5.74
C TYR B 151 -31.41 -0.92 -6.54
N ARG B 152 -31.20 -0.78 -7.85
CA ARG B 152 -32.22 -0.14 -8.69
C ARG B 152 -33.14 -1.16 -9.36
N GLY B 153 -33.15 -2.38 -8.81
CA GLY B 153 -34.00 -3.44 -9.33
C GLY B 153 -33.65 -3.84 -10.75
N LYS B 154 -32.42 -3.55 -11.15
CA LYS B 154 -31.97 -3.88 -12.50
C LYS B 154 -31.55 -5.35 -12.57
N THR B 155 -31.37 -5.97 -11.40
CA THR B 155 -30.96 -7.37 -11.34
C THR B 155 -31.30 -7.96 -9.98
N VAL B 156 -31.31 -9.28 -9.90
CA VAL B 156 -31.56 -9.99 -8.66
C VAL B 156 -30.51 -11.08 -8.52
N GLU B 157 -29.56 -11.08 -9.43
CA GLU B 157 -28.47 -12.06 -9.40
C GLU B 157 -27.55 -11.75 -8.22
N PRO B 158 -27.07 -12.79 -7.53
CA PRO B 158 -26.19 -12.54 -6.39
C PRO B 158 -24.85 -11.96 -6.84
N PHE B 159 -24.21 -11.22 -5.94
CA PHE B 159 -22.92 -10.60 -6.23
C PHE B 159 -21.89 -11.56 -6.83
N ASP B 160 -21.68 -12.70 -6.19
CA ASP B 160 -20.67 -13.64 -6.67
C ASP B 160 -20.92 -14.22 -8.08
N TYR B 161 -22.18 -14.52 -8.40
CA TYR B 161 -22.50 -15.06 -9.72
C TYR B 161 -22.40 -13.99 -10.81
N ALA B 162 -22.72 -12.75 -10.44
CA ALA B 162 -22.67 -11.64 -11.38
C ALA B 162 -21.25 -11.18 -11.68
N CYS B 163 -20.40 -11.15 -10.66
CA CYS B 163 -19.03 -10.66 -10.81
C CYS B 163 -17.91 -11.68 -11.00
N TYR B 164 -18.17 -12.94 -10.65
CA TYR B 164 -17.15 -13.97 -10.78
C TYR B 164 -17.58 -15.08 -11.74
N LYS B 165 -16.62 -15.62 -12.49
CA LYS B 165 -16.90 -16.71 -13.41
C LYS B 165 -16.87 -18.03 -12.65
N GLU B 166 -16.07 -18.07 -11.59
CA GLU B 166 -15.89 -19.26 -10.76
C GLU B 166 -17.14 -19.97 -10.23
N PRO B 167 -18.06 -19.23 -9.61
CA PRO B 167 -19.28 -19.82 -9.06
C PRO B 167 -19.99 -20.92 -9.85
N VAL B 168 -20.21 -20.69 -11.15
CA VAL B 168 -20.90 -21.71 -11.94
C VAL B 168 -20.06 -22.93 -12.30
N ILE B 169 -18.74 -22.77 -12.43
CA ILE B 169 -17.95 -23.96 -12.75
C ILE B 169 -17.67 -24.74 -11.46
N LEU B 170 -17.76 -24.06 -10.32
CA LEU B 170 -17.54 -24.73 -9.04
C LEU B 170 -18.79 -25.54 -8.72
N ASP B 171 -19.95 -25.04 -9.15
CA ASP B 171 -21.22 -25.72 -8.94
C ASP B 171 -21.21 -27.05 -9.68
N ALA B 172 -20.37 -27.15 -10.71
CA ALA B 172 -20.25 -28.36 -11.50
C ALA B 172 -18.95 -29.08 -11.21
N ASN B 173 -18.34 -28.75 -10.07
CA ASN B 173 -17.08 -29.38 -9.65
C ASN B 173 -16.02 -29.43 -10.75
N ARG B 174 -15.86 -28.34 -11.50
CA ARG B 174 -14.85 -28.32 -12.56
C ARG B 174 -13.43 -28.17 -12.02
N SER B 175 -12.47 -28.51 -12.86
CA SER B 175 -11.06 -28.40 -12.52
C SER B 175 -10.57 -26.99 -12.86
N PRO B 176 -9.62 -26.46 -12.08
CA PRO B 176 -9.08 -25.12 -12.35
C PRO B 176 -8.14 -25.11 -13.56
N ARG B 177 -7.83 -26.31 -14.06
CA ARG B 177 -6.98 -26.41 -15.23
C ARG B 177 -7.45 -27.47 -16.21
N ARG B 178 -7.22 -27.21 -17.50
CA ARG B 178 -7.62 -28.13 -18.56
C ARG B 178 -6.71 -29.36 -18.52
N LEU B 179 -7.15 -30.42 -19.19
CA LEU B 179 -6.36 -31.65 -19.20
C LEU B 179 -4.98 -31.39 -19.79
N ASP B 180 -4.88 -30.39 -20.66
CA ASP B 180 -3.58 -30.08 -21.25
C ASP B 180 -2.73 -29.29 -20.27
N GLY B 181 -3.26 -29.05 -19.09
CA GLY B 181 -2.52 -28.34 -18.06
C GLY B 181 -2.75 -26.85 -17.89
N SER B 182 -3.34 -26.19 -18.90
CA SER B 182 -3.56 -24.75 -18.79
C SER B 182 -4.51 -24.33 -17.67
N LYS B 183 -4.11 -23.27 -16.96
CA LYS B 183 -4.84 -22.72 -15.83
C LYS B 183 -5.89 -21.68 -16.24
N VAL B 184 -7.13 -21.87 -15.81
CA VAL B 184 -8.21 -20.95 -16.15
C VAL B 184 -8.70 -20.08 -15.00
N THR B 185 -8.10 -20.23 -13.84
CA THR B 185 -8.51 -19.44 -12.67
C THR B 185 -7.43 -19.52 -11.59
N ASN B 186 -7.55 -18.68 -10.57
CA ASN B 186 -6.59 -18.71 -9.46
C ASN B 186 -7.07 -19.80 -8.53
N TYR B 187 -6.14 -20.55 -7.96
CA TYR B 187 -6.50 -21.63 -7.06
C TYR B 187 -5.40 -21.89 -6.05
N ALA B 188 -5.75 -22.64 -5.01
CA ALA B 188 -4.81 -23.00 -3.96
C ALA B 188 -4.95 -24.50 -3.73
N TRP B 189 -4.54 -24.98 -2.56
CA TRP B 189 -4.57 -26.41 -2.32
C TRP B 189 -5.22 -26.92 -1.04
N HIS B 190 -5.56 -28.21 -1.08
CA HIS B 190 -6.15 -28.93 0.04
C HIS B 190 -5.17 -30.07 0.27
N PHE B 191 -4.75 -30.28 1.51
CA PHE B 191 -3.84 -31.37 1.81
C PHE B 191 -3.76 -31.67 3.29
N ASP B 192 -3.18 -32.80 3.61
CA ASP B 192 -2.98 -33.21 4.99
C ASP B 192 -1.66 -32.56 5.39
N ALA B 193 -1.72 -31.64 6.35
CA ALA B 193 -0.52 -30.92 6.80
C ALA B 193 0.64 -31.84 7.19
N HIS B 194 0.31 -32.97 7.81
CA HIS B 194 1.33 -33.92 8.23
C HIS B 194 2.22 -34.32 7.05
N LEU B 195 1.60 -34.53 5.90
CA LEU B 195 2.35 -34.92 4.70
C LEU B 195 3.30 -33.81 4.23
N VAL B 196 2.85 -32.57 4.30
CA VAL B 196 3.68 -31.45 3.88
C VAL B 196 4.85 -31.28 4.85
N ALA B 197 4.57 -31.41 6.14
CA ALA B 197 5.62 -31.30 7.17
C ALA B 197 6.70 -32.34 6.91
N ASP B 198 6.28 -33.56 6.58
CA ASP B 198 7.20 -34.66 6.28
C ASP B 198 8.07 -34.33 5.10
N PHE B 199 7.43 -33.82 4.05
CA PHE B 199 8.11 -33.43 2.83
C PHE B 199 9.16 -32.38 3.16
N LEU B 200 8.77 -31.37 3.93
CA LEU B 200 9.68 -30.30 4.28
C LEU B 200 10.80 -30.77 5.21
N ARG B 201 10.50 -31.74 6.07
CA ARG B 201 11.55 -32.25 6.95
C ARG B 201 12.61 -32.93 6.10
N ARG B 202 12.18 -33.70 5.10
CA ARG B 202 13.12 -34.39 4.22
C ARG B 202 13.96 -33.36 3.45
N PHE B 203 13.29 -32.32 2.97
CA PHE B 203 13.95 -31.26 2.21
C PHE B 203 14.98 -30.50 3.04
N ALA B 204 14.56 -29.99 4.19
CA ALA B 204 15.45 -29.23 5.05
C ALA B 204 16.66 -30.03 5.54
N THR B 205 16.43 -31.27 5.98
CA THR B 205 17.53 -32.09 6.48
C THR B 205 18.45 -32.64 5.38
N GLU B 206 17.86 -33.08 4.28
CA GLU B 206 18.64 -33.65 3.19
C GLU B 206 19.27 -32.65 2.25
N LYS B 207 18.61 -31.51 2.06
CA LYS B 207 19.15 -30.53 1.13
C LYS B 207 19.61 -29.19 1.69
N LEU B 208 19.20 -28.84 2.89
CA LEU B 208 19.62 -27.56 3.45
C LEU B 208 20.54 -27.68 4.65
N GLY B 209 20.90 -28.91 5.00
CA GLY B 209 21.81 -29.13 6.11
C GLY B 209 21.26 -28.84 7.49
N VAL B 210 19.94 -28.82 7.64
CA VAL B 210 19.35 -28.56 8.94
C VAL B 210 19.49 -29.81 9.80
N ARG B 211 20.01 -29.64 11.02
CA ARG B 211 20.18 -30.77 11.93
C ARG B 211 18.89 -31.01 12.71
N HIS B 212 18.47 -32.26 12.74
CA HIS B 212 17.24 -32.64 13.43
C HIS B 212 17.56 -33.44 14.70
N VAL B 213 17.06 -32.97 15.83
CA VAL B 213 17.28 -33.66 17.10
C VAL B 213 15.93 -33.99 17.71
N GLU B 214 15.69 -35.28 17.97
CA GLU B 214 14.42 -35.70 18.54
C GLU B 214 14.59 -35.89 20.04
N ASP B 215 14.17 -34.89 20.79
CA ASP B 215 14.30 -34.90 22.24
C ASP B 215 13.27 -33.92 22.80
N ARG B 216 13.09 -33.97 24.12
CA ARG B 216 12.12 -33.08 24.76
C ARG B 216 12.80 -32.02 25.62
N VAL B 217 12.39 -30.76 25.44
CA VAL B 217 12.94 -29.67 26.21
C VAL B 217 12.53 -29.81 27.67
N GLU B 218 13.49 -29.73 28.58
CA GLU B 218 13.18 -29.87 29.99
C GLU B 218 13.46 -28.58 30.76
N HIS B 219 14.42 -27.81 30.28
CA HIS B 219 14.78 -26.58 30.96
C HIS B 219 15.37 -25.54 30.01
N VAL B 220 14.92 -24.30 30.15
CA VAL B 220 15.39 -23.20 29.32
C VAL B 220 16.16 -22.22 30.22
N GLN B 221 17.44 -22.01 29.89
CA GLN B 221 18.28 -21.10 30.67
C GLN B 221 18.36 -19.73 29.97
N ARG B 222 18.08 -18.67 30.72
CA ARG B 222 18.13 -17.30 30.21
C ARG B 222 19.30 -16.55 30.86
N ASP B 223 19.80 -15.50 30.20
CA ASP B 223 20.88 -14.72 30.75
C ASP B 223 20.35 -13.52 31.55
N ALA B 224 21.26 -12.67 32.03
CA ALA B 224 20.87 -11.51 32.83
C ALA B 224 20.05 -10.48 32.07
N ASN B 225 20.15 -10.49 30.74
CA ASN B 225 19.40 -9.56 29.93
C ASN B 225 18.03 -10.14 29.62
N GLY B 226 17.76 -11.33 30.14
CA GLY B 226 16.47 -11.96 29.91
C GLY B 226 16.37 -12.73 28.61
N ASN B 227 17.45 -12.76 27.84
CA ASN B 227 17.49 -13.48 26.57
C ASN B 227 17.74 -14.96 26.85
N ILE B 228 17.39 -15.81 25.89
CA ILE B 228 17.59 -17.23 26.06
C ILE B 228 19.06 -17.56 25.81
N GLU B 229 19.64 -18.28 26.75
CA GLU B 229 21.03 -18.68 26.72
C GLU B 229 21.13 -20.08 26.11
N SER B 230 20.31 -21.00 26.61
CA SER B 230 20.31 -22.36 26.09
C SER B 230 19.08 -23.13 26.54
N VAL B 231 18.88 -24.30 25.94
CA VAL B 231 17.78 -25.16 26.31
C VAL B 231 18.39 -26.53 26.60
N ARG B 232 17.98 -27.13 27.71
CA ARG B 232 18.48 -28.45 28.09
C ARG B 232 17.35 -29.44 27.86
N THR B 233 17.69 -30.61 27.31
CA THR B 233 16.68 -31.63 27.02
C THR B 233 16.59 -32.71 28.07
N ALA B 234 15.56 -33.55 27.93
CA ALA B 234 15.32 -34.66 28.84
C ALA B 234 16.51 -35.60 28.95
N THR B 235 17.28 -35.74 27.86
CA THR B 235 18.45 -36.62 27.89
C THR B 235 19.69 -35.90 28.42
N GLY B 236 19.52 -34.66 28.83
CA GLY B 236 20.65 -33.91 29.36
C GLY B 236 21.43 -33.12 28.34
N ARG B 237 21.04 -33.18 27.08
CA ARG B 237 21.76 -32.42 26.07
C ARG B 237 21.46 -30.93 26.22
N VAL B 238 22.44 -30.10 25.91
CA VAL B 238 22.29 -28.66 26.02
C VAL B 238 22.56 -28.02 24.66
N PHE B 239 21.59 -27.24 24.18
CA PHE B 239 21.73 -26.57 22.90
C PHE B 239 21.72 -25.05 23.07
N ASP B 240 22.71 -24.39 22.50
CA ASP B 240 22.80 -22.94 22.57
C ASP B 240 22.61 -22.39 21.16
N ALA B 241 22.29 -21.11 21.06
CA ALA B 241 22.09 -20.47 19.76
C ALA B 241 22.08 -18.95 19.91
N ASP B 242 22.18 -18.24 18.79
CA ASP B 242 22.16 -16.78 18.81
C ASP B 242 20.72 -16.29 18.68
N LEU B 243 19.90 -17.07 17.96
CA LEU B 243 18.48 -16.74 17.77
C LEU B 243 17.63 -18.00 17.98
N PHE B 244 16.56 -17.88 18.75
CA PHE B 244 15.66 -19.01 19.01
C PHE B 244 14.28 -18.80 18.40
N VAL B 245 13.85 -19.78 17.61
CA VAL B 245 12.56 -19.74 16.96
C VAL B 245 11.60 -20.69 17.67
N ASP B 246 10.55 -20.14 18.27
CA ASP B 246 9.58 -20.93 18.99
C ASP B 246 8.46 -21.42 18.07
N CYS B 247 8.47 -22.72 17.77
CA CYS B 247 7.44 -23.34 16.93
C CYS B 247 6.82 -24.46 17.75
N SER B 248 6.74 -24.24 19.07
CA SER B 248 6.21 -25.24 19.98
C SER B 248 4.69 -25.30 20.06
N GLY B 249 3.99 -24.54 19.23
CA GLY B 249 2.54 -24.59 19.26
C GLY B 249 1.91 -23.77 20.39
N PHE B 250 0.66 -24.10 20.71
CA PHE B 250 -0.07 -23.38 21.75
C PHE B 250 0.63 -23.29 23.10
N ARG B 251 1.61 -24.16 23.35
CA ARG B 251 2.35 -24.15 24.61
C ARG B 251 3.24 -22.90 24.74
N GLY B 252 3.77 -22.42 23.61
CA GLY B 252 4.64 -21.26 23.65
C GLY B 252 5.76 -21.48 24.67
N LEU B 253 6.42 -22.63 24.57
CA LEU B 253 7.49 -23.01 25.48
C LEU B 253 8.56 -21.94 25.67
N LEU B 254 8.92 -21.26 24.59
CA LEU B 254 9.93 -20.22 24.69
C LEU B 254 9.34 -18.83 24.86
N ILE B 255 8.49 -18.40 23.94
CA ILE B 255 7.91 -17.06 23.99
C ILE B 255 7.05 -16.76 25.22
N ASN B 256 6.15 -17.67 25.59
CA ASN B 256 5.27 -17.45 26.73
C ASN B 256 5.83 -17.94 28.06
N LYS B 257 6.22 -19.21 28.12
CA LYS B 257 6.74 -19.78 29.36
C LYS B 257 8.11 -19.27 29.78
N ALA B 258 9.11 -19.38 28.92
CA ALA B 258 10.45 -18.92 29.26
C ALA B 258 10.59 -17.40 29.28
N MET B 259 10.23 -16.76 28.17
CA MET B 259 10.34 -15.31 28.06
C MET B 259 9.25 -14.55 28.82
N GLU B 260 8.20 -15.25 29.20
CA GLU B 260 7.09 -14.67 29.96
C GLU B 260 6.27 -13.60 29.24
N GLU B 261 6.28 -13.61 27.92
CA GLU B 261 5.51 -12.64 27.14
C GLU B 261 4.04 -13.04 27.26
N PRO B 262 3.16 -12.11 27.62
CA PRO B 262 1.73 -12.39 27.75
C PRO B 262 1.06 -12.70 26.42
N PHE B 263 0.14 -13.67 26.43
CA PHE B 263 -0.62 -13.99 25.24
C PHE B 263 -1.90 -13.15 25.39
N LEU B 264 -2.35 -12.52 24.31
CA LEU B 264 -3.55 -11.71 24.39
C LEU B 264 -4.77 -12.46 23.82
N ASP B 265 -5.63 -12.92 24.71
CA ASP B 265 -6.85 -13.61 24.31
C ASP B 265 -7.74 -12.60 23.61
N MET B 266 -8.38 -12.99 22.52
CA MET B 266 -9.24 -12.06 21.82
C MET B 266 -10.64 -12.62 21.58
N SER B 267 -11.16 -13.33 22.58
CA SER B 267 -12.49 -13.91 22.51
C SER B 267 -13.57 -12.83 22.61
N ASP B 268 -13.17 -11.58 22.77
CA ASP B 268 -14.15 -10.49 22.81
C ASP B 268 -14.50 -10.14 21.36
N HIS B 269 -13.83 -10.80 20.42
CA HIS B 269 -14.09 -10.60 18.99
C HIS B 269 -14.44 -11.92 18.33
N LEU B 270 -13.94 -13.01 18.90
CA LEU B 270 -14.17 -14.35 18.37
C LEU B 270 -14.64 -15.31 19.46
N LEU B 271 -15.88 -15.79 19.33
CA LEU B 271 -16.44 -16.70 20.32
C LEU B 271 -15.97 -18.15 20.17
N ASN B 272 -15.57 -18.54 18.97
CA ASN B 272 -15.13 -19.92 18.74
C ASN B 272 -13.77 -20.21 19.38
N ASP B 273 -13.71 -21.29 20.16
CA ASP B 273 -12.50 -21.66 20.87
C ASP B 273 -12.23 -23.16 20.91
N SER B 274 -13.03 -23.93 20.17
CA SER B 274 -12.87 -25.39 20.16
C SER B 274 -13.20 -26.04 18.81
N ALA B 275 -12.95 -27.34 18.72
CA ALA B 275 -13.24 -28.08 17.50
C ALA B 275 -13.23 -29.58 17.73
N VAL B 276 -14.04 -30.28 16.94
CA VAL B 276 -14.09 -31.75 16.96
C VAL B 276 -13.81 -32.04 15.49
N ALA B 277 -12.74 -32.76 15.21
CA ALA B 277 -12.39 -33.04 13.83
C ALA B 277 -12.05 -34.49 13.53
N THR B 278 -12.20 -34.86 12.27
CA THR B 278 -11.91 -36.22 11.82
C THR B 278 -11.66 -36.23 10.32
N GLN B 279 -11.40 -37.41 9.77
CA GLN B 279 -11.19 -37.57 8.33
C GLN B 279 -12.25 -38.59 7.91
N VAL B 280 -12.91 -38.33 6.80
CA VAL B 280 -13.97 -39.22 6.32
C VAL B 280 -13.67 -39.76 4.92
N PRO B 281 -13.76 -41.11 4.75
CA PRO B 281 -13.48 -41.70 3.44
C PRO B 281 -14.50 -41.17 2.42
N HIS B 282 -14.07 -41.03 1.18
CA HIS B 282 -14.95 -40.49 0.15
C HIS B 282 -14.78 -41.23 -1.18
N ASP B 283 -15.90 -41.50 -1.85
CA ASP B 283 -15.88 -42.18 -3.14
C ASP B 283 -15.82 -41.12 -4.25
N ASP B 284 -14.61 -40.79 -4.67
CA ASP B 284 -14.43 -39.78 -5.71
C ASP B 284 -14.99 -40.23 -7.06
N ASP B 285 -14.99 -41.55 -7.30
CA ASP B 285 -15.51 -42.08 -8.56
C ASP B 285 -16.99 -41.87 -8.71
N ALA B 286 -17.73 -42.04 -7.63
CA ALA B 286 -19.18 -41.87 -7.65
C ALA B 286 -19.59 -40.42 -7.45
N ASN B 287 -18.77 -39.65 -6.76
CA ASN B 287 -19.13 -38.26 -6.47
C ASN B 287 -18.21 -37.17 -6.99
N GLY B 288 -17.09 -37.55 -7.62
CA GLY B 288 -16.16 -36.54 -8.09
C GLY B 288 -15.54 -35.85 -6.89
N VAL B 289 -14.85 -34.74 -7.11
CA VAL B 289 -14.21 -34.01 -6.02
C VAL B 289 -14.54 -32.53 -6.10
N GLU B 290 -14.95 -31.96 -4.97
CA GLU B 290 -15.29 -30.54 -4.91
C GLU B 290 -14.03 -29.66 -4.95
N PRO B 291 -13.95 -28.74 -5.93
CA PRO B 291 -12.80 -27.84 -6.08
C PRO B 291 -12.94 -26.61 -5.17
N PHE B 292 -13.36 -26.84 -3.92
CA PHE B 292 -13.55 -25.75 -2.98
C PHE B 292 -13.66 -26.26 -1.55
N THR B 293 -13.39 -25.36 -0.60
CA THR B 293 -13.50 -25.68 0.81
C THR B 293 -14.92 -25.29 1.18
N SER B 294 -15.55 -26.05 2.07
CA SER B 294 -16.90 -25.71 2.47
C SER B 294 -16.89 -25.23 3.92
N ALA B 295 -17.62 -24.16 4.17
CA ALA B 295 -17.77 -23.60 5.51
C ALA B 295 -19.26 -23.69 5.74
N ILE B 296 -19.64 -24.69 6.53
CA ILE B 296 -21.04 -24.97 6.83
C ILE B 296 -21.49 -24.45 8.18
N ALA B 297 -22.39 -23.46 8.17
CA ALA B 297 -22.90 -22.88 9.40
C ALA B 297 -23.56 -23.96 10.25
N MET B 298 -23.33 -23.90 11.55
CA MET B 298 -23.88 -24.84 12.51
C MET B 298 -24.66 -24.04 13.54
N LYS B 299 -25.19 -24.71 14.56
CA LYS B 299 -25.94 -24.02 15.59
C LYS B 299 -25.06 -23.17 16.52
N SER B 300 -23.85 -23.65 16.79
CA SER B 300 -22.93 -22.95 17.68
C SER B 300 -21.54 -22.84 17.09
N GLY B 301 -21.47 -22.58 15.79
CA GLY B 301 -20.20 -22.47 15.12
C GLY B 301 -20.35 -22.80 13.65
N TRP B 302 -19.33 -23.43 13.08
CA TRP B 302 -19.36 -23.81 11.67
C TRP B 302 -18.49 -25.03 11.46
N THR B 303 -18.67 -25.70 10.33
CA THR B 303 -17.88 -26.89 10.06
C THR B 303 -17.16 -26.77 8.73
N TRP B 304 -15.89 -27.17 8.73
CA TRP B 304 -15.12 -27.12 7.50
C TRP B 304 -15.16 -28.47 6.82
N LYS B 305 -15.05 -28.45 5.49
CA LYS B 305 -15.01 -29.67 4.70
C LYS B 305 -13.87 -29.41 3.75
N ILE B 306 -12.81 -30.17 3.87
CA ILE B 306 -11.64 -30.01 3.02
C ILE B 306 -11.42 -31.27 2.20
N PRO B 307 -11.88 -31.25 0.94
CA PRO B 307 -11.75 -32.39 0.02
C PRO B 307 -10.30 -32.73 -0.33
N MET B 308 -9.97 -34.00 -0.24
CA MET B 308 -8.64 -34.46 -0.61
C MET B 308 -8.84 -35.67 -1.52
N LEU B 309 -7.83 -36.53 -1.65
CA LEU B 309 -7.93 -37.69 -2.52
C LEU B 309 -8.56 -38.88 -1.83
N GLY B 310 -9.77 -39.25 -2.26
CA GLY B 310 -10.44 -40.41 -1.69
C GLY B 310 -10.92 -40.20 -0.27
N ARG B 311 -10.93 -38.95 0.19
CA ARG B 311 -11.37 -38.62 1.53
C ARG B 311 -11.42 -37.10 1.71
N PHE B 312 -12.10 -36.65 2.77
CA PHE B 312 -12.16 -35.22 3.05
C PHE B 312 -11.99 -34.97 4.53
N GLY B 313 -11.27 -33.92 4.86
CA GLY B 313 -11.06 -33.56 6.25
C GLY B 313 -12.22 -32.69 6.65
N THR B 314 -12.69 -32.81 7.88
CA THR B 314 -13.81 -32.00 8.33
C THR B 314 -13.68 -31.75 9.83
N GLY B 315 -14.14 -30.59 10.27
CA GLY B 315 -14.08 -30.26 11.67
C GLY B 315 -15.10 -29.22 12.05
N TYR B 316 -15.76 -29.44 13.18
CA TYR B 316 -16.76 -28.51 13.68
C TYR B 316 -16.07 -27.55 14.63
N VAL B 317 -15.99 -26.28 14.22
CA VAL B 317 -15.38 -25.24 15.05
C VAL B 317 -16.54 -24.66 15.84
N TYR B 318 -16.45 -24.67 17.15
CA TYR B 318 -17.54 -24.14 17.96
C TYR B 318 -17.09 -23.37 19.20
N SER B 319 -18.05 -22.77 19.87
CA SER B 319 -17.80 -21.98 21.06
C SER B 319 -18.15 -22.79 22.30
N SER B 320 -17.16 -23.08 23.13
CA SER B 320 -17.37 -23.86 24.34
C SER B 320 -18.41 -23.21 25.26
N ARG B 321 -18.68 -21.93 25.05
CA ARG B 321 -19.66 -21.24 25.89
C ARG B 321 -21.09 -21.39 25.38
N PHE B 322 -21.27 -22.08 24.26
CA PHE B 322 -22.61 -22.27 23.71
C PHE B 322 -22.96 -23.71 23.43
N ALA B 323 -21.97 -24.59 23.47
CA ALA B 323 -22.19 -26.00 23.24
C ALA B 323 -21.16 -26.80 24.03
N THR B 324 -21.57 -27.94 24.56
CA THR B 324 -20.66 -28.77 25.31
C THR B 324 -19.90 -29.64 24.32
N GLU B 325 -18.82 -30.26 24.77
CA GLU B 325 -18.04 -31.10 23.90
C GLU B 325 -18.93 -32.25 23.38
N ASP B 326 -19.78 -32.79 24.25
CA ASP B 326 -20.67 -33.87 23.85
C ASP B 326 -21.68 -33.41 22.83
N GLU B 327 -22.23 -32.22 23.03
CA GLU B 327 -23.20 -31.66 22.09
C GLU B 327 -22.56 -31.44 20.73
N ALA B 328 -21.31 -30.97 20.73
CA ALA B 328 -20.58 -30.72 19.49
C ALA B 328 -20.28 -32.01 18.75
N VAL B 329 -19.81 -33.03 19.49
CA VAL B 329 -19.51 -34.32 18.88
C VAL B 329 -20.77 -34.88 18.25
N ARG B 330 -21.89 -34.75 18.96
CA ARG B 330 -23.18 -35.23 18.49
C ARG B 330 -23.63 -34.50 17.23
N GLU B 331 -23.66 -33.17 17.29
CA GLU B 331 -24.06 -32.37 16.13
C GLU B 331 -23.17 -32.68 14.93
N PHE B 332 -21.87 -32.79 15.19
CA PHE B 332 -20.87 -33.06 14.15
C PHE B 332 -21.05 -34.44 13.51
N CYS B 333 -21.04 -35.49 14.34
CA CYS B 333 -21.20 -36.84 13.82
C CYS B 333 -22.52 -37.03 13.09
N GLU B 334 -23.57 -36.44 13.63
CA GLU B 334 -24.89 -36.56 13.02
C GLU B 334 -24.98 -35.98 11.60
N MET B 335 -24.26 -34.90 11.32
CA MET B 335 -24.33 -34.31 9.98
C MET B 335 -23.59 -35.14 8.94
N TRP B 336 -22.56 -35.85 9.37
CA TRP B 336 -21.79 -36.68 8.45
C TRP B 336 -22.21 -38.16 8.59
N HIS B 337 -23.25 -38.39 9.38
CA HIS B 337 -23.76 -39.75 9.60
C HIS B 337 -22.67 -40.68 10.09
N LEU B 338 -21.95 -40.25 11.13
CA LEU B 338 -20.88 -41.05 11.71
C LEU B 338 -21.33 -41.54 13.08
N ASP B 339 -20.68 -42.58 13.59
CA ASP B 339 -21.02 -43.14 14.89
C ASP B 339 -20.09 -42.54 15.96
N PRO B 340 -20.66 -41.74 16.88
CA PRO B 340 -19.90 -41.10 17.96
C PRO B 340 -19.01 -42.07 18.72
N GLU B 341 -19.51 -43.28 18.91
CA GLU B 341 -18.79 -44.31 19.66
C GLU B 341 -17.59 -44.95 18.96
N THR B 342 -17.58 -44.94 17.64
CA THR B 342 -16.47 -45.57 16.92
C THR B 342 -15.65 -44.69 15.99
N GLN B 343 -16.20 -43.56 15.58
CA GLN B 343 -15.47 -42.67 14.69
C GLN B 343 -14.27 -42.08 15.42
N PRO B 344 -13.06 -42.19 14.85
CA PRO B 344 -11.90 -41.61 15.54
C PRO B 344 -12.08 -40.09 15.48
N LEU B 345 -11.96 -39.43 16.64
CA LEU B 345 -12.14 -37.99 16.72
C LEU B 345 -11.04 -37.22 17.43
N ASN B 346 -10.74 -36.02 16.92
CA ASN B 346 -9.76 -35.15 17.55
C ASN B 346 -10.59 -34.08 18.25
N ARG B 347 -10.42 -33.94 19.56
CA ARG B 347 -11.14 -32.93 20.31
C ARG B 347 -10.08 -31.92 20.73
N ILE B 348 -10.28 -30.66 20.35
CA ILE B 348 -9.31 -29.66 20.70
C ILE B 348 -9.91 -28.35 21.19
N ARG B 349 -9.24 -27.78 22.19
CA ARG B 349 -9.62 -26.51 22.78
C ARG B 349 -8.40 -25.63 22.57
N PHE B 350 -8.51 -24.64 21.70
CA PHE B 350 -7.36 -23.78 21.45
C PHE B 350 -7.48 -22.36 21.98
N ARG B 351 -6.34 -21.68 22.03
CA ARG B 351 -6.32 -20.30 22.48
C ARG B 351 -6.43 -19.41 21.26
N VAL B 352 -7.30 -18.42 21.35
CA VAL B 352 -7.57 -17.51 20.26
C VAL B 352 -7.02 -16.12 20.56
N GLY B 353 -6.14 -15.64 19.69
CA GLY B 353 -5.53 -14.33 19.87
C GLY B 353 -4.09 -14.33 19.42
N ARG B 354 -3.24 -13.55 20.08
CA ARG B 354 -1.82 -13.46 19.70
C ARG B 354 -1.01 -12.94 20.87
N ASN B 355 0.30 -13.17 20.82
CA ASN B 355 1.17 -12.69 21.89
C ASN B 355 1.16 -11.17 21.85
N ARG B 356 1.45 -10.54 22.98
CA ARG B 356 1.51 -9.08 23.02
C ARG B 356 2.57 -8.68 21.98
N ARG B 357 3.65 -9.47 21.93
CA ARG B 357 4.74 -9.25 20.98
C ARG B 357 5.20 -10.61 20.47
N ALA B 358 5.27 -10.76 19.16
CA ALA B 358 5.68 -12.04 18.54
C ALA B 358 7.17 -12.34 18.75
N TRP B 359 7.99 -11.29 18.76
CA TRP B 359 9.44 -11.44 18.91
C TRP B 359 9.92 -10.63 20.11
N VAL B 360 10.51 -11.30 21.08
CA VAL B 360 11.04 -10.66 22.29
C VAL B 360 12.48 -11.11 22.50
N GLY B 361 13.37 -10.16 22.73
CA GLY B 361 14.77 -10.51 22.93
C GLY B 361 15.31 -11.29 21.75
N ASN B 362 15.83 -12.49 22.00
CA ASN B 362 16.36 -13.33 20.93
C ASN B 362 15.43 -14.51 20.67
N CYS B 363 14.14 -14.31 20.93
CA CYS B 363 13.13 -15.34 20.74
C CYS B 363 12.01 -14.90 19.79
N VAL B 364 11.89 -15.59 18.66
CA VAL B 364 10.86 -15.27 17.68
C VAL B 364 9.84 -16.39 17.58
N SER B 365 8.57 -16.08 17.84
CA SER B 365 7.53 -17.11 17.75
C SER B 365 6.96 -17.18 16.33
N ILE B 366 6.79 -18.40 15.83
CA ILE B 366 6.29 -18.66 14.48
C ILE B 366 5.23 -19.76 14.56
N GLY B 367 4.05 -19.50 14.03
CA GLY B 367 2.99 -20.51 14.08
C GLY B 367 1.99 -20.24 15.19
N THR B 368 1.39 -21.30 15.73
CA THR B 368 0.39 -21.13 16.78
C THR B 368 1.00 -20.68 18.10
N SER B 369 2.32 -20.74 18.22
CA SER B 369 2.98 -20.28 19.44
C SER B 369 2.91 -18.74 19.43
N SER B 370 2.67 -18.18 18.24
CA SER B 370 2.58 -16.75 18.05
C SER B 370 1.14 -16.24 18.06
N CYS B 371 0.28 -16.87 17.27
CA CYS B 371 -1.12 -16.45 17.21
C CYS B 371 -2.00 -17.51 16.57
N PHE B 372 -3.31 -17.38 16.75
CA PHE B 372 -4.25 -18.32 16.17
C PHE B 372 -5.67 -17.78 16.08
N VAL B 373 -6.35 -18.16 15.01
CA VAL B 373 -7.74 -17.81 14.79
C VAL B 373 -8.30 -18.99 14.02
N GLU B 374 -9.58 -19.30 14.24
CA GLU B 374 -10.21 -20.41 13.55
C GLU B 374 -9.90 -20.34 12.06
N PRO B 375 -9.81 -21.50 11.40
CA PRO B 375 -9.50 -21.60 9.97
C PRO B 375 -10.61 -21.21 8.99
N LEU B 376 -11.44 -20.24 9.36
CA LEU B 376 -12.54 -19.83 8.49
C LEU B 376 -12.12 -19.25 7.15
N GLU B 377 -10.92 -18.67 7.08
CA GLU B 377 -10.45 -18.09 5.82
C GLU B 377 -9.06 -18.61 5.42
N SER B 378 -8.77 -19.84 5.81
CA SER B 378 -7.51 -20.49 5.45
C SER B 378 -6.27 -19.63 5.63
N THR B 379 -6.05 -19.12 6.83
CA THR B 379 -4.89 -18.26 7.08
C THR B 379 -3.79 -18.90 7.92
N GLY B 380 -4.09 -20.05 8.50
CA GLY B 380 -3.13 -20.74 9.34
C GLY B 380 -1.72 -20.90 8.79
N ILE B 381 -1.60 -21.60 7.68
CA ILE B 381 -0.30 -21.81 7.07
C ILE B 381 0.29 -20.50 6.55
N TYR B 382 -0.56 -19.67 5.95
CA TYR B 382 -0.12 -18.37 5.44
C TYR B 382 0.61 -17.61 6.54
N PHE B 383 0.05 -17.58 7.74
CA PHE B 383 0.65 -16.88 8.86
C PHE B 383 2.09 -17.29 9.12
N VAL B 384 2.41 -18.56 8.87
CA VAL B 384 3.75 -19.08 9.08
C VAL B 384 4.76 -18.49 8.09
N TYR B 385 4.56 -18.69 6.79
CA TYR B 385 5.53 -18.13 5.85
C TYR B 385 5.45 -16.62 5.71
N ALA B 386 4.32 -16.03 6.08
CA ALA B 386 4.21 -14.59 6.02
C ALA B 386 5.14 -14.05 7.10
N ALA B 387 5.12 -14.67 8.27
CA ALA B 387 5.97 -14.26 9.39
C ALA B 387 7.43 -14.55 9.07
N LEU B 388 7.70 -15.69 8.45
CA LEU B 388 9.06 -16.05 8.10
C LEU B 388 9.61 -15.04 7.08
N TYR B 389 8.75 -14.59 6.18
CA TYR B 389 9.15 -13.58 5.19
C TYR B 389 9.52 -12.29 5.89
N GLN B 390 8.70 -11.89 6.87
CA GLN B 390 8.98 -10.67 7.62
C GLN B 390 10.20 -10.82 8.52
N LEU B 391 10.43 -12.02 9.06
CA LEU B 391 11.60 -12.21 9.92
C LEU B 391 12.88 -11.98 9.12
N VAL B 392 12.94 -12.55 7.93
CA VAL B 392 14.12 -12.40 7.08
C VAL B 392 14.31 -10.95 6.65
N LYS B 393 13.20 -10.27 6.35
CA LYS B 393 13.25 -8.87 5.95
C LYS B 393 13.78 -8.03 7.12
N HIS B 394 13.40 -8.39 8.34
CA HIS B 394 13.86 -7.67 9.54
C HIS B 394 14.95 -8.46 10.26
N PHE B 395 15.68 -9.31 9.53
CA PHE B 395 16.73 -10.11 10.16
C PHE B 395 17.78 -9.28 10.87
N PRO B 396 18.11 -9.68 12.11
CA PRO B 396 19.09 -8.98 12.94
C PRO B 396 20.46 -9.66 12.92
N ASP B 397 21.41 -9.03 13.62
CA ASP B 397 22.72 -9.60 13.81
C ASP B 397 22.71 -9.80 15.31
N LYS B 398 23.83 -10.13 15.92
CA LYS B 398 23.81 -10.36 17.36
C LYS B 398 23.52 -9.17 18.27
N SER B 399 23.54 -7.96 17.73
CA SER B 399 23.24 -6.81 18.59
C SER B 399 21.73 -6.69 18.78
N LEU B 400 20.97 -7.46 18.00
CA LEU B 400 19.51 -7.46 18.10
C LEU B 400 18.95 -6.02 18.14
N ASN B 401 19.18 -5.27 17.07
CA ASN B 401 18.69 -3.90 17.00
C ASN B 401 17.19 -3.85 17.35
N PRO B 402 16.83 -3.10 18.41
CA PRO B 402 15.43 -2.98 18.86
C PRO B 402 14.45 -2.57 17.78
N VAL B 403 14.88 -1.71 16.86
CA VAL B 403 14.03 -1.23 15.78
C VAL B 403 13.56 -2.35 14.87
N LEU B 404 14.43 -3.30 14.56
CA LEU B 404 14.05 -4.41 13.69
C LEU B 404 12.96 -5.25 14.35
N THR B 405 13.12 -5.50 15.64
CA THR B 405 12.16 -6.30 16.40
C THR B 405 10.82 -5.59 16.49
N ALA B 406 10.84 -4.30 16.82
CA ALA B 406 9.59 -3.52 16.93
C ALA B 406 8.80 -3.51 15.63
N ARG B 407 9.50 -3.33 14.50
CA ARG B 407 8.83 -3.29 13.20
C ARG B 407 8.27 -4.66 12.82
N PHE B 408 9.03 -5.71 13.08
CA PHE B 408 8.58 -7.06 12.79
C PHE B 408 7.28 -7.28 13.59
N ASN B 409 7.32 -6.93 14.87
CA ASN B 409 6.15 -7.11 15.72
C ASN B 409 4.92 -6.36 15.22
N ARG B 410 5.11 -5.15 14.70
CA ARG B 410 3.98 -4.39 14.20
C ARG B 410 3.37 -5.08 12.97
N GLU B 411 4.23 -5.63 12.12
CA GLU B 411 3.74 -6.32 10.93
C GLU B 411 2.90 -7.52 11.33
N ILE B 412 3.37 -8.28 12.32
CA ILE B 412 2.65 -9.47 12.77
C ILE B 412 1.31 -9.09 13.41
N GLU B 413 1.28 -8.08 14.26
CA GLU B 413 0.03 -7.72 14.91
C GLU B 413 -1.03 -7.20 13.93
N THR B 414 -0.62 -6.51 12.87
CA THR B 414 -1.60 -6.03 11.89
C THR B 414 -2.06 -7.20 11.03
N MET B 415 -1.12 -8.08 10.70
CA MET B 415 -1.44 -9.25 9.91
C MET B 415 -2.54 -10.03 10.62
N PHE B 416 -2.37 -10.22 11.92
CA PHE B 416 -3.33 -10.99 12.70
C PHE B 416 -4.62 -10.24 12.99
N ASP B 417 -4.51 -9.03 13.53
CA ASP B 417 -5.69 -8.24 13.88
C ASP B 417 -6.65 -8.00 12.71
N ASP B 418 -6.13 -7.75 11.51
CA ASP B 418 -6.97 -7.53 10.35
C ASP B 418 -7.75 -8.81 10.02
N THR B 419 -7.09 -9.95 10.17
CA THR B 419 -7.69 -11.25 9.91
C THR B 419 -8.79 -11.50 10.95
N ARG B 420 -8.46 -11.20 12.21
CA ARG B 420 -9.39 -11.37 13.32
C ARG B 420 -10.68 -10.57 13.03
N ASP B 421 -10.50 -9.32 12.61
CA ASP B 421 -11.62 -8.44 12.31
C ASP B 421 -12.48 -9.00 11.16
N PHE B 422 -11.81 -9.43 10.11
CA PHE B 422 -12.48 -9.98 8.94
C PHE B 422 -13.30 -11.21 9.33
N ILE B 423 -12.69 -12.11 10.12
CA ILE B 423 -13.38 -13.31 10.52
C ILE B 423 -14.59 -12.98 11.41
N GLN B 424 -14.41 -12.06 12.36
CA GLN B 424 -15.53 -11.69 13.23
C GLN B 424 -16.73 -11.23 12.41
N ALA B 425 -16.47 -10.49 11.33
CA ALA B 425 -17.55 -10.00 10.48
C ALA B 425 -18.40 -11.11 9.85
N HIS B 426 -17.81 -12.28 9.63
CA HIS B 426 -18.54 -13.40 9.06
C HIS B 426 -19.69 -13.78 9.99
N PHE B 427 -19.47 -13.65 11.29
CA PHE B 427 -20.48 -13.98 12.29
C PHE B 427 -21.38 -12.81 12.63
N TYR B 428 -20.77 -11.64 12.81
CA TYR B 428 -21.49 -10.42 13.17
C TYR B 428 -22.55 -10.01 12.18
N PHE B 429 -22.29 -10.24 10.89
CA PHE B 429 -23.25 -9.84 9.87
C PHE B 429 -24.14 -10.96 9.33
N SER B 430 -24.07 -12.13 9.94
CA SER B 430 -24.94 -13.22 9.53
C SER B 430 -26.33 -12.76 9.94
N PRO B 431 -27.35 -13.04 9.11
CA PRO B 431 -28.71 -12.61 9.47
C PRO B 431 -29.37 -13.53 10.50
N ARG B 432 -28.83 -14.73 10.69
CA ARG B 432 -29.38 -15.70 11.64
C ARG B 432 -29.53 -15.18 13.07
N THR B 433 -30.62 -15.60 13.72
CA THR B 433 -30.91 -15.22 15.10
C THR B 433 -31.55 -16.42 15.80
N ASP B 434 -31.46 -17.58 15.17
CA ASP B 434 -32.05 -18.81 15.68
C ASP B 434 -31.43 -19.53 16.88
N THR B 435 -30.21 -19.18 17.28
CA THR B 435 -29.59 -19.84 18.43
C THR B 435 -28.82 -18.84 19.29
N PRO B 436 -28.59 -19.17 20.57
CA PRO B 436 -27.86 -18.24 21.43
C PRO B 436 -26.55 -17.79 20.77
N PHE B 437 -25.84 -18.72 20.15
CA PHE B 437 -24.58 -18.43 19.47
C PHE B 437 -24.70 -17.31 18.44
N TRP B 438 -25.55 -17.49 17.44
CA TRP B 438 -25.71 -16.48 16.41
C TRP B 438 -26.16 -15.13 16.96
N ARG B 439 -27.03 -15.15 17.96
CA ARG B 439 -27.53 -13.92 18.56
C ARG B 439 -26.43 -13.23 19.36
N ALA B 440 -25.61 -14.03 20.04
CA ALA B 440 -24.53 -13.49 20.86
C ALA B 440 -23.45 -12.79 20.01
N ASN B 441 -23.24 -13.27 18.80
CA ASN B 441 -22.24 -12.66 17.91
C ASN B 441 -22.59 -11.22 17.59
N LYS B 442 -23.89 -10.94 17.50
CA LYS B 442 -24.37 -9.60 17.18
C LYS B 442 -24.23 -8.62 18.35
N GLU B 443 -23.90 -9.14 19.52
CA GLU B 443 -23.76 -8.27 20.68
C GLU B 443 -22.30 -7.95 20.98
N LEU B 444 -21.40 -8.53 20.20
CA LEU B 444 -19.98 -8.26 20.39
C LEU B 444 -19.71 -6.91 19.75
N ARG B 445 -18.51 -6.39 19.97
CA ARG B 445 -18.10 -5.11 19.44
C ARG B 445 -17.06 -5.32 18.34
N LEU B 446 -17.21 -4.64 17.22
CA LEU B 446 -16.23 -4.74 16.15
C LEU B 446 -15.15 -3.76 16.56
N ALA B 447 -13.89 -4.05 16.24
CA ALA B 447 -12.79 -3.15 16.58
C ALA B 447 -13.02 -1.84 15.82
N ASP B 448 -12.55 -0.73 16.37
CA ASP B 448 -12.73 0.57 15.72
C ASP B 448 -12.34 0.53 14.25
N GLY B 449 -11.20 -0.08 13.95
CA GLY B 449 -10.74 -0.15 12.58
C GLY B 449 -11.71 -0.85 11.65
N MET B 450 -12.33 -1.93 12.14
CA MET B 450 -13.27 -2.67 11.33
C MET B 450 -14.57 -1.89 11.18
N GLN B 451 -14.97 -1.18 12.24
CA GLN B 451 -16.19 -0.39 12.19
C GLN B 451 -16.03 0.69 11.12
N GLU B 452 -14.85 1.26 11.02
CA GLU B 452 -14.61 2.29 10.02
C GLU B 452 -14.74 1.68 8.62
N LYS B 453 -14.24 0.47 8.45
CA LYS B 453 -14.33 -0.22 7.18
C LYS B 453 -15.81 -0.42 6.80
N ILE B 454 -16.61 -0.85 7.77
CA ILE B 454 -18.03 -1.06 7.54
C ILE B 454 -18.71 0.27 7.19
N ASP B 455 -18.36 1.34 7.91
CA ASP B 455 -18.92 2.66 7.62
C ASP B 455 -18.64 3.01 6.16
N MET B 456 -17.39 2.82 5.75
CA MET B 456 -16.99 3.09 4.38
C MET B 456 -17.81 2.26 3.40
N TYR B 457 -17.90 0.95 3.67
CA TYR B 457 -18.65 0.03 2.82
C TYR B 457 -20.09 0.49 2.61
N ARG B 458 -20.77 0.83 3.71
CA ARG B 458 -22.15 1.30 3.63
C ARG B 458 -22.29 2.61 2.88
N ALA B 459 -21.20 3.37 2.80
CA ALA B 459 -21.21 4.66 2.10
C ALA B 459 -20.93 4.46 0.62
N GLY B 460 -20.84 3.20 0.19
CA GLY B 460 -20.58 2.91 -1.20
C GLY B 460 -19.12 2.83 -1.59
N MET B 461 -18.22 3.04 -0.63
CA MET B 461 -16.78 3.00 -0.89
C MET B 461 -16.22 1.59 -0.95
N ALA B 462 -15.13 1.43 -1.69
CA ALA B 462 -14.47 0.14 -1.75
C ALA B 462 -13.69 0.07 -0.45
N ILE B 463 -13.34 -1.14 -0.02
CA ILE B 463 -12.55 -1.31 1.19
C ILE B 463 -11.25 -1.92 0.72
N ASN B 464 -10.15 -1.19 0.88
CA ASN B 464 -8.85 -1.71 0.46
C ASN B 464 -8.88 -2.18 -0.99
N ALA B 465 -9.32 -1.32 -1.90
CA ALA B 465 -9.36 -1.71 -3.29
C ALA B 465 -7.95 -2.06 -3.73
N PRO B 466 -7.79 -3.08 -4.59
CA PRO B 466 -6.43 -3.41 -5.01
C PRO B 466 -5.89 -2.32 -5.93
N ALA B 467 -4.58 -2.07 -5.86
CA ALA B 467 -3.95 -1.05 -6.68
C ALA B 467 -4.17 -1.32 -8.17
N SER B 468 -4.20 -2.62 -8.52
CA SER B 468 -4.42 -3.07 -9.89
C SER B 468 -5.35 -4.27 -9.84
N ASP B 469 -6.06 -4.56 -10.93
CA ASP B 469 -6.94 -5.72 -10.91
C ASP B 469 -6.26 -6.92 -11.58
N ASP B 470 -4.96 -6.79 -11.81
CA ASP B 470 -4.17 -7.86 -12.42
C ASP B 470 -3.77 -8.84 -11.33
N ALA B 471 -4.53 -9.93 -11.19
CA ALA B 471 -4.26 -10.94 -10.17
C ALA B 471 -2.84 -11.50 -10.21
N GLN B 472 -2.25 -11.52 -11.40
CA GLN B 472 -0.89 -12.04 -11.53
C GLN B 472 0.14 -11.19 -10.80
N LEU B 473 -0.04 -9.87 -10.80
CA LEU B 473 0.88 -8.99 -10.11
C LEU B 473 0.67 -9.26 -8.62
N TYR B 474 -0.60 -9.26 -8.22
CA TYR B 474 -1.01 -9.47 -6.84
C TYR B 474 -0.41 -10.75 -6.26
N TYR B 475 -0.79 -11.90 -6.82
CA TYR B 475 -0.28 -13.18 -6.33
C TYR B 475 1.18 -13.46 -6.68
N GLY B 476 1.75 -12.71 -7.61
CA GLY B 476 3.14 -12.94 -7.97
C GLY B 476 4.12 -12.06 -7.21
N ASN B 477 3.60 -11.09 -6.47
CA ASN B 477 4.43 -10.17 -5.70
C ASN B 477 3.94 -10.12 -4.25
N PHE B 478 4.65 -10.81 -3.38
CA PHE B 478 4.26 -10.86 -1.97
C PHE B 478 4.15 -9.49 -1.31
N GLU B 479 5.09 -8.58 -1.60
CA GLU B 479 5.05 -7.25 -1.01
C GLU B 479 3.71 -6.61 -1.32
N GLU B 480 3.30 -6.76 -2.57
CA GLU B 480 2.04 -6.21 -3.07
C GLU B 480 0.84 -6.79 -2.31
N GLU B 481 0.79 -8.12 -2.21
CA GLU B 481 -0.32 -8.76 -1.53
C GLU B 481 -0.33 -8.53 -0.02
N PHE B 482 0.85 -8.59 0.59
CA PHE B 482 0.91 -8.38 2.04
C PHE B 482 0.37 -7.01 2.44
N ARG B 483 0.61 -6.00 1.61
CA ARG B 483 0.16 -4.63 1.89
C ARG B 483 -1.33 -4.45 1.61
N ASN B 484 -1.92 -5.42 0.93
CA ASN B 484 -3.33 -5.35 0.56
C ASN B 484 -3.88 -6.78 0.63
N PHE B 485 -3.60 -7.46 1.75
CA PHE B 485 -4.02 -8.85 1.91
C PHE B 485 -5.51 -9.08 1.85
N TRP B 486 -6.28 -8.29 2.60
CA TRP B 486 -7.73 -8.40 2.55
C TRP B 486 -8.14 -7.20 1.69
N ASN B 487 -8.51 -7.46 0.44
CA ASN B 487 -8.89 -6.36 -0.45
C ASN B 487 -10.41 -6.28 -0.70
N ASN B 488 -10.83 -5.21 -1.36
CA ASN B 488 -12.25 -4.99 -1.64
C ASN B 488 -12.99 -6.22 -2.17
N SER B 489 -12.31 -7.04 -2.99
CA SER B 489 -12.94 -8.24 -3.53
C SER B 489 -13.36 -9.18 -2.41
N ASN B 490 -12.47 -9.38 -1.45
CA ASN B 490 -12.75 -10.26 -0.33
C ASN B 490 -13.88 -9.77 0.56
N TYR B 491 -13.85 -8.48 0.90
CA TYR B 491 -14.90 -7.91 1.74
C TYR B 491 -16.27 -7.99 1.06
N TYR B 492 -16.33 -7.72 -0.23
CA TYR B 492 -17.60 -7.78 -0.93
C TYR B 492 -18.14 -9.22 -0.98
N CYS B 493 -17.27 -10.19 -1.26
CA CYS B 493 -17.67 -11.60 -1.32
C CYS B 493 -18.36 -12.01 -0.02
N VAL B 494 -17.72 -11.73 1.11
CA VAL B 494 -18.25 -12.09 2.42
C VAL B 494 -19.40 -11.22 2.91
N LEU B 495 -19.24 -9.91 2.85
CA LEU B 495 -20.30 -9.01 3.32
C LEU B 495 -21.55 -9.09 2.45
N ALA B 496 -21.38 -8.99 1.14
CA ALA B 496 -22.53 -9.05 0.25
C ALA B 496 -23.12 -10.46 0.30
N GLY B 497 -22.26 -11.46 0.37
CA GLY B 497 -22.74 -12.84 0.43
C GLY B 497 -23.69 -13.05 1.60
N LEU B 498 -23.34 -12.48 2.75
CA LEU B 498 -24.15 -12.59 3.94
C LEU B 498 -25.39 -11.70 3.87
N GLY B 499 -25.40 -10.77 2.94
CA GLY B 499 -26.54 -9.88 2.79
C GLY B 499 -26.31 -8.44 3.22
N LEU B 500 -25.10 -8.10 3.66
CA LEU B 500 -24.84 -6.72 4.04
C LEU B 500 -24.41 -5.99 2.77
N VAL B 501 -25.13 -4.94 2.42
CA VAL B 501 -24.84 -4.16 1.22
C VAL B 501 -24.85 -2.68 1.57
N PRO B 502 -24.30 -1.83 0.70
CA PRO B 502 -24.27 -0.38 0.96
C PRO B 502 -25.66 0.23 1.19
N ASP B 503 -25.71 1.39 1.82
CA ASP B 503 -26.98 2.06 2.06
C ASP B 503 -27.61 2.54 0.77
N ALA B 504 -26.76 2.86 -0.20
CA ALA B 504 -27.19 3.33 -1.52
C ALA B 504 -26.02 3.16 -2.48
N PRO B 505 -26.26 3.28 -3.79
CA PRO B 505 -25.12 3.10 -4.71
C PRO B 505 -24.06 4.17 -4.49
N SER B 506 -22.86 3.91 -5.00
CA SER B 506 -21.76 4.86 -4.90
C SER B 506 -22.22 6.14 -5.63
N PRO B 507 -22.27 7.27 -4.92
CA PRO B 507 -22.70 8.56 -5.49
C PRO B 507 -22.03 8.87 -6.83
N ARG B 508 -20.81 8.38 -7.00
CA ARG B 508 -20.05 8.59 -8.22
C ARG B 508 -20.72 8.08 -9.49
N LEU B 509 -21.37 6.92 -9.39
CA LEU B 509 -22.00 6.31 -10.55
C LEU B 509 -23.08 7.16 -11.23
N ALA B 510 -23.78 7.98 -10.45
CA ALA B 510 -24.81 8.84 -11.02
C ALA B 510 -24.20 9.91 -11.93
N HIS B 511 -22.89 10.08 -11.83
CA HIS B 511 -22.17 11.08 -12.64
C HIS B 511 -21.42 10.42 -13.79
N MET B 512 -21.57 9.10 -13.93
CA MET B 512 -20.86 8.37 -14.96
C MET B 512 -21.79 7.52 -15.85
N PRO B 513 -22.76 8.17 -16.52
CA PRO B 513 -23.70 7.45 -17.39
C PRO B 513 -23.03 6.58 -18.46
N GLN B 514 -21.94 7.07 -19.04
CA GLN B 514 -21.23 6.31 -20.06
C GLN B 514 -20.65 5.04 -19.45
N ALA B 515 -20.13 5.15 -18.23
CA ALA B 515 -19.55 4.01 -17.54
C ALA B 515 -20.61 2.98 -17.19
N THR B 516 -21.74 3.43 -16.63
CA THR B 516 -22.79 2.51 -16.24
C THR B 516 -23.49 1.84 -17.43
N GLU B 517 -23.36 2.41 -18.62
CA GLU B 517 -23.96 1.82 -19.81
C GLU B 517 -23.02 0.77 -20.37
N SER B 518 -21.74 1.12 -20.47
CA SER B 518 -20.73 0.23 -21.00
C SER B 518 -20.35 -0.94 -20.07
N VAL B 519 -20.84 -0.91 -18.84
CA VAL B 519 -20.49 -1.98 -17.90
C VAL B 519 -21.15 -3.31 -18.22
N ASP B 520 -22.29 -3.29 -18.91
CA ASP B 520 -22.97 -4.53 -19.24
C ASP B 520 -22.08 -5.45 -20.07
N GLU B 521 -21.17 -4.86 -20.84
CA GLU B 521 -20.27 -5.66 -21.66
C GLU B 521 -19.35 -6.44 -20.71
N VAL B 522 -18.98 -5.82 -19.60
CA VAL B 522 -18.12 -6.46 -18.61
C VAL B 522 -18.86 -7.61 -17.94
N PHE B 523 -20.12 -7.36 -17.56
CA PHE B 523 -20.94 -8.40 -16.94
C PHE B 523 -21.20 -9.51 -17.95
N GLY B 524 -21.32 -9.12 -19.22
CA GLY B 524 -21.56 -10.10 -20.27
C GLY B 524 -20.33 -10.98 -20.47
N ALA B 525 -19.16 -10.35 -20.42
CA ALA B 525 -17.90 -11.08 -20.60
C ALA B 525 -17.79 -12.20 -19.56
N VAL B 526 -18.18 -11.89 -18.33
CA VAL B 526 -18.15 -12.87 -17.25
C VAL B 526 -19.11 -14.01 -17.60
N LYS B 527 -20.29 -13.64 -18.09
CA LYS B 527 -21.28 -14.63 -18.48
C LYS B 527 -20.74 -15.57 -19.56
N ASP B 528 -19.99 -15.04 -20.52
CA ASP B 528 -19.43 -15.88 -21.58
C ASP B 528 -18.39 -16.83 -21.00
N ARG B 529 -17.61 -16.34 -20.04
CA ARG B 529 -16.59 -17.19 -19.41
C ARG B 529 -17.23 -18.32 -18.62
N GLN B 530 -18.32 -18.02 -17.92
CA GLN B 530 -19.01 -19.05 -17.16
C GLN B 530 -19.52 -20.13 -18.10
N ARG B 531 -20.10 -19.71 -19.23
CA ARG B 531 -20.62 -20.63 -20.23
C ARG B 531 -19.55 -21.54 -20.85
N ASN B 532 -18.55 -20.91 -21.46
CA ASN B 532 -17.46 -21.65 -22.11
C ASN B 532 -16.72 -22.61 -21.20
N LEU B 533 -16.40 -22.16 -19.99
CA LEU B 533 -15.67 -22.99 -19.05
C LEU B 533 -16.54 -24.16 -18.57
N LEU B 534 -17.82 -23.89 -18.32
CA LEU B 534 -18.74 -24.93 -17.88
C LEU B 534 -18.82 -26.03 -18.94
N GLU B 535 -18.80 -25.62 -20.21
CA GLU B 535 -18.90 -26.53 -21.34
C GLU B 535 -17.61 -27.26 -21.69
N THR B 536 -16.47 -26.59 -21.54
CA THR B 536 -15.20 -27.18 -21.91
C THR B 536 -14.29 -27.79 -20.84
N LEU B 537 -14.45 -27.38 -19.58
CA LEU B 537 -13.59 -27.90 -18.52
C LEU B 537 -13.85 -29.32 -18.05
N PRO B 538 -12.78 -30.08 -17.78
CA PRO B 538 -12.92 -31.45 -17.30
C PRO B 538 -13.21 -31.33 -15.80
N SER B 539 -13.83 -32.34 -15.22
CA SER B 539 -14.14 -32.30 -13.78
C SER B 539 -12.82 -32.34 -13.00
N LEU B 540 -12.85 -31.89 -11.75
CA LEU B 540 -11.64 -31.91 -10.94
C LEU B 540 -11.14 -33.34 -10.81
N HIS B 541 -12.05 -34.25 -10.52
CA HIS B 541 -11.71 -35.66 -10.39
C HIS B 541 -10.94 -36.13 -11.61
N GLU B 542 -11.46 -35.79 -12.78
CA GLU B 542 -10.86 -36.16 -14.05
C GLU B 542 -9.41 -35.68 -14.06
N PHE B 543 -9.21 -34.39 -13.84
CA PHE B 543 -7.86 -33.84 -13.83
C PHE B 543 -6.97 -34.49 -12.78
N LEU B 544 -7.53 -34.70 -11.59
CA LEU B 544 -6.76 -35.31 -10.50
C LEU B 544 -6.29 -36.72 -10.86
N ARG B 545 -7.14 -37.51 -11.50
CA ARG B 545 -6.72 -38.86 -11.89
C ARG B 545 -5.44 -38.73 -12.70
N GLN B 546 -5.52 -37.92 -13.75
CA GLN B 546 -4.37 -37.71 -14.63
C GLN B 546 -3.14 -37.17 -13.92
N GLN B 547 -3.23 -35.96 -13.40
CA GLN B 547 -2.12 -35.32 -12.72
C GLN B 547 -1.52 -36.13 -11.58
N HIS B 548 -2.33 -36.98 -10.95
CA HIS B 548 -1.85 -37.82 -9.87
C HIS B 548 -1.71 -39.19 -10.50
N GLY B 549 -2.73 -40.06 -10.34
CA GLY B 549 -2.63 -41.42 -10.86
C GLY B 549 -1.76 -41.49 -12.11
#